data_8TGY
#
_entry.id   8TGY
#
_cell.length_a   49.914
_cell.length_b   74.371
_cell.length_c   107.212
_cell.angle_alpha   86.77
_cell.angle_beta   90.01
_cell.angle_gamma   70.26
#
_symmetry.space_group_name_H-M   'P 1'
#
loop_
_entity.id
_entity.type
_entity.pdbx_description
1 polymer 'Multidrug resistance protein, SMR family'
2 polymer 'L10 Monobody'
3 non-polymer N-(diaminomethylidene)urea
4 non-polymer 'LAURYL DIMETHYLAMINE-N-OXIDE'
5 non-polymer DECYL-BETA-D-MALTOPYRANOSIDE
6 water water
#
loop_
_entity_poly.entity_id
_entity_poly.type
_entity_poly.pdbx_seq_one_letter_code
_entity_poly.pdbx_strand_id
1 'polypeptide(L)'
;MAWLILIIAGIFEVVWAIALKYSNGFTRLIPSMITLIGMLISFYLLSQATKTLPIGTAYAIWTGIGALGAVICGIIFFKE
PLTALRIVFMILLLTGIIGLKATSS
;
A,E,G,B
2 'polypeptide(L)'
;VSSVPTKLEVVAATPTSLLISWDAGHWWEWVTYYRITYGETGGNSPVQEFTVPGYSSTATISGLKPGVDYTITVYAPTSD
YGSPISINYRT
;
C,D,F,H
#
# COMPACT_ATOMS: atom_id res chain seq x y z
N MET A 1 -13.00 -27.22 -24.79
CA MET A 1 -12.63 -26.10 -23.94
C MET A 1 -11.84 -25.06 -24.72
N ALA A 2 -11.16 -25.50 -25.77
CA ALA A 2 -10.40 -24.58 -26.62
C ALA A 2 -11.27 -23.47 -27.18
N TRP A 3 -12.58 -23.70 -27.30
CA TRP A 3 -13.49 -22.65 -27.75
C TRP A 3 -13.73 -21.61 -26.67
N LEU A 4 -13.87 -22.04 -25.42
CA LEU A 4 -14.22 -21.10 -24.34
C LEU A 4 -13.10 -20.09 -24.12
N ILE A 5 -11.85 -20.51 -24.19
CA ILE A 5 -10.75 -19.57 -24.05
C ILE A 5 -10.66 -18.65 -25.27
N LEU A 6 -11.20 -19.07 -26.41
CA LEU A 6 -11.31 -18.18 -27.56
C LEU A 6 -12.36 -17.11 -27.32
N ILE A 7 -13.46 -17.50 -26.65
CA ILE A 7 -14.49 -16.52 -26.29
C ILE A 7 -13.91 -15.51 -25.30
N ILE A 8 -13.19 -15.98 -24.29
CA ILE A 8 -12.57 -15.09 -23.33
C ILE A 8 -11.52 -14.21 -24.01
N ALA A 9 -10.76 -14.79 -24.95
CA ALA A 9 -9.82 -14.00 -25.73
C ALA A 9 -10.54 -12.90 -26.51
N GLY A 10 -11.77 -13.16 -26.95
CA GLY A 10 -12.57 -12.12 -27.60
C GLY A 10 -13.19 -11.15 -26.62
N ILE A 11 -13.46 -11.60 -25.39
CA ILE A 11 -13.99 -10.70 -24.38
C ILE A 11 -12.95 -9.65 -24.00
N PHE A 12 -11.71 -10.08 -23.76
CA PHE A 12 -10.65 -9.14 -23.44
C PHE A 12 -10.34 -8.21 -24.60
N GLU A 13 -10.68 -8.60 -25.82
CA GLU A 13 -10.56 -7.69 -26.95
C GLU A 13 -11.51 -6.50 -26.77
N VAL A 14 -12.69 -6.75 -26.20
CA VAL A 14 -13.58 -5.66 -25.83
C VAL A 14 -13.03 -4.89 -24.64
N VAL A 15 -12.32 -5.59 -23.74
CA VAL A 15 -11.80 -4.94 -22.53
C VAL A 15 -10.82 -3.85 -22.89
N TRP A 16 -9.74 -4.20 -23.60
CA TRP A 16 -8.75 -3.18 -23.97
C TRP A 16 -9.31 -2.18 -24.97
N ALA A 17 -10.42 -2.49 -25.63
CA ALA A 17 -11.04 -1.52 -26.52
C ALA A 17 -11.71 -0.40 -25.74
N ILE A 18 -12.54 -0.75 -24.75
CA ILE A 18 -13.17 0.25 -23.92
C ILE A 18 -12.13 0.99 -23.08
N ALA A 19 -11.12 0.28 -22.58
CA ALA A 19 -10.07 0.92 -21.81
C ALA A 19 -9.28 1.90 -22.65
N LEU A 20 -9.02 1.55 -23.92
CA LEU A 20 -8.34 2.48 -24.82
C LEU A 20 -9.15 3.75 -25.01
N LYS A 21 -10.48 3.65 -24.98
CA LYS A 21 -11.31 4.84 -25.06
C LYS A 21 -11.23 5.67 -23.79
N TYR A 22 -11.05 5.03 -22.64
CA TYR A 22 -10.90 5.75 -21.38
C TYR A 22 -9.50 6.32 -21.19
N SER A 23 -8.52 5.84 -21.94
CA SER A 23 -7.14 6.30 -21.77
C SER A 23 -6.87 7.65 -22.42
N ASN A 24 -7.74 8.08 -23.35
CA ASN A 24 -7.61 9.36 -24.04
C ASN A 24 -6.24 9.48 -24.72
N GLY A 25 -5.97 8.53 -25.61
CA GLY A 25 -4.71 8.52 -26.34
C GLY A 25 -3.54 8.08 -25.50
N PHE A 26 -3.71 7.00 -24.74
CA PHE A 26 -2.66 6.45 -23.87
C PHE A 26 -2.07 7.52 -22.95
N THR A 27 -2.95 8.33 -22.36
CA THR A 27 -2.54 9.39 -21.44
C THR A 27 -2.90 9.11 -20.00
N ARG A 28 -4.08 8.56 -19.74
CA ARG A 28 -4.55 8.31 -18.38
C ARG A 28 -4.04 6.95 -17.91
N LEU A 29 -3.20 6.95 -16.87
CA LEU A 29 -2.74 5.71 -16.28
C LEU A 29 -3.90 4.92 -15.70
N ILE A 30 -3.84 3.60 -15.88
CA ILE A 30 -4.79 2.56 -15.48
C ILE A 30 -5.68 2.20 -16.68
N PRO A 31 -6.43 3.13 -17.31
CA PRO A 31 -7.03 2.76 -18.60
C PRO A 31 -5.99 2.42 -19.65
N SER A 32 -4.90 3.19 -19.73
CA SER A 32 -3.81 2.84 -20.62
C SER A 32 -3.10 1.56 -20.18
N MET A 33 -3.31 1.13 -18.94
CA MET A 33 -2.70 -0.10 -18.44
C MET A 33 -3.62 -1.30 -18.65
N ILE A 34 -4.92 -1.14 -18.43
CA ILE A 34 -5.88 -2.19 -18.77
C ILE A 34 -5.83 -2.48 -20.26
N THR A 35 -5.52 -1.46 -21.08
CA THR A 35 -5.46 -1.65 -22.51
C THR A 35 -4.27 -2.53 -22.91
N LEU A 36 -3.08 -2.22 -22.38
CA LEU A 36 -1.89 -2.98 -22.75
C LEU A 36 -2.01 -4.45 -22.32
N ILE A 37 -2.45 -4.68 -21.09
CA ILE A 37 -2.57 -6.05 -20.60
C ILE A 37 -3.75 -6.76 -21.27
N GLY A 38 -4.79 -6.00 -21.63
CA GLY A 38 -5.96 -6.61 -22.25
C GLY A 38 -5.67 -7.24 -23.59
N MET A 39 -4.78 -6.63 -24.38
CA MET A 39 -4.40 -7.18 -25.67
C MET A 39 -3.31 -8.23 -25.59
N LEU A 40 -2.51 -8.22 -24.52
CA LEU A 40 -1.58 -9.33 -24.30
C LEU A 40 -2.31 -10.58 -23.85
N ILE A 41 -3.31 -10.42 -22.98
CA ILE A 41 -4.17 -11.54 -22.59
C ILE A 41 -4.90 -12.07 -23.81
N SER A 42 -5.48 -11.17 -24.61
CA SER A 42 -6.19 -11.58 -25.81
C SER A 42 -5.27 -12.31 -26.78
N PHE A 43 -4.10 -11.73 -27.05
CA PHE A 43 -3.17 -12.36 -27.98
C PHE A 43 -2.70 -13.72 -27.48
N TYR A 44 -2.53 -13.86 -26.15
CA TYR A 44 -2.07 -15.12 -25.60
C TYR A 44 -3.14 -16.19 -25.73
N LEU A 45 -4.33 -15.93 -25.18
CA LEU A 45 -5.42 -16.91 -25.24
C LEU A 45 -5.77 -17.25 -26.68
N LEU A 46 -5.69 -16.26 -27.58
CA LEU A 46 -5.92 -16.53 -29.00
C LEU A 46 -4.91 -17.55 -29.52
N SER A 47 -3.62 -17.31 -29.28
CA SER A 47 -2.60 -18.25 -29.72
C SER A 47 -2.79 -19.62 -29.08
N GLN A 48 -3.41 -19.67 -27.90
CA GLN A 48 -3.70 -20.95 -27.27
C GLN A 48 -4.91 -21.63 -27.92
N ALA A 49 -5.99 -20.86 -28.14
CA ALA A 49 -7.16 -21.41 -28.80
C ALA A 49 -6.87 -21.74 -30.25
N THR A 50 -6.04 -20.93 -30.93
CA THR A 50 -5.70 -21.22 -32.31
C THR A 50 -4.80 -22.44 -32.43
N LYS A 51 -4.17 -22.87 -31.33
CA LYS A 51 -3.32 -24.05 -31.38
C LYS A 51 -4.13 -25.33 -31.57
N THR A 52 -5.44 -25.29 -31.29
CA THR A 52 -6.33 -26.42 -31.52
C THR A 52 -7.37 -26.15 -32.59
N LEU A 53 -7.97 -24.97 -32.61
CA LEU A 53 -9.08 -24.62 -33.48
C LEU A 53 -8.57 -24.11 -34.82
N PRO A 54 -9.40 -24.13 -35.85
CA PRO A 54 -8.97 -23.61 -37.16
C PRO A 54 -8.61 -22.14 -37.09
N ILE A 55 -7.43 -21.81 -37.61
CA ILE A 55 -6.94 -20.43 -37.57
C ILE A 55 -7.92 -19.49 -38.26
N GLY A 56 -8.64 -19.98 -39.27
CA GLY A 56 -9.64 -19.14 -39.92
C GLY A 56 -10.87 -18.96 -39.06
N THR A 57 -11.41 -20.06 -38.52
CA THR A 57 -12.58 -19.97 -37.66
C THR A 57 -12.24 -19.29 -36.33
N ALA A 58 -11.02 -19.48 -35.83
CA ALA A 58 -10.65 -18.89 -34.54
C ALA A 58 -10.59 -17.37 -34.63
N TYR A 59 -10.02 -16.84 -35.72
CA TYR A 59 -9.93 -15.39 -35.85
C TYR A 59 -11.29 -14.76 -36.10
N ALA A 60 -12.13 -15.40 -36.93
CA ALA A 60 -13.45 -14.85 -37.24
C ALA A 60 -14.28 -14.69 -35.96
N ILE A 61 -14.20 -15.66 -35.06
CA ILE A 61 -14.88 -15.54 -33.78
C ILE A 61 -14.11 -14.62 -32.82
N TRP A 62 -12.80 -14.48 -33.01
CA TRP A 62 -12.00 -13.63 -32.13
C TRP A 62 -12.33 -12.16 -32.36
N THR A 63 -12.15 -11.67 -33.59
CA THR A 63 -12.45 -10.27 -33.86
C THR A 63 -13.96 -10.04 -33.95
N GLY A 64 -14.72 -11.07 -34.29
CA GLY A 64 -16.18 -10.93 -34.31
C GLY A 64 -16.73 -10.55 -32.96
N ILE A 65 -16.33 -11.28 -31.92
CA ILE A 65 -16.74 -10.95 -30.55
C ILE A 65 -16.22 -9.57 -30.16
N GLY A 66 -14.95 -9.31 -30.45
CA GLY A 66 -14.37 -8.01 -30.10
C GLY A 66 -15.03 -6.86 -30.82
N ALA A 67 -15.29 -7.02 -32.12
CA ALA A 67 -15.90 -5.94 -32.90
C ALA A 67 -17.31 -5.66 -32.43
N LEU A 68 -18.17 -6.69 -32.41
CA LEU A 68 -19.53 -6.51 -31.94
C LEU A 68 -19.55 -6.04 -30.49
N GLY A 69 -18.67 -6.58 -29.66
CA GLY A 69 -18.60 -6.15 -28.27
C GLY A 69 -18.17 -4.71 -28.12
N ALA A 70 -17.31 -4.22 -29.02
CA ALA A 70 -16.91 -2.82 -28.98
C ALA A 70 -18.09 -1.91 -29.37
N VAL A 71 -18.92 -2.38 -30.30
CA VAL A 71 -20.09 -1.58 -30.71
C VAL A 71 -21.11 -1.52 -29.58
N ILE A 72 -21.29 -2.64 -28.86
CA ILE A 72 -22.30 -2.69 -27.81
C ILE A 72 -21.90 -1.82 -26.63
N CYS A 73 -20.70 -2.05 -26.07
CA CYS A 73 -20.27 -1.29 -24.91
C CYS A 73 -20.11 0.19 -25.23
N GLY A 74 -19.82 0.53 -26.49
CA GLY A 74 -19.71 1.93 -26.86
C GLY A 74 -21.04 2.65 -26.79
N ILE A 75 -22.07 2.09 -27.43
CA ILE A 75 -23.40 2.70 -27.40
C ILE A 75 -24.01 2.69 -26.02
N ILE A 76 -23.41 2.00 -25.06
CA ILE A 76 -23.88 1.93 -23.68
C ILE A 76 -23.04 2.80 -22.75
N PHE A 77 -21.75 2.48 -22.62
CA PHE A 77 -20.88 3.26 -21.75
C PHE A 77 -20.76 4.70 -22.24
N PHE A 78 -20.23 4.88 -23.45
CA PHE A 78 -19.93 6.20 -24.00
C PHE A 78 -21.11 6.82 -24.73
N LYS A 79 -22.30 6.25 -24.58
CA LYS A 79 -23.52 6.77 -25.20
C LYS A 79 -23.31 7.02 -26.69
N GLU A 80 -22.67 6.06 -27.35
CA GLU A 80 -22.37 6.20 -28.76
C GLU A 80 -23.66 6.02 -29.58
N PRO A 81 -23.73 6.64 -30.76
CA PRO A 81 -25.01 6.69 -31.49
C PRO A 81 -25.58 5.31 -31.81
N LEU A 82 -26.90 5.27 -31.99
CA LEU A 82 -27.64 4.05 -32.28
C LEU A 82 -28.61 4.32 -33.42
N THR A 83 -28.07 4.75 -34.56
CA THR A 83 -28.88 5.04 -35.73
C THR A 83 -29.24 3.75 -36.46
N ALA A 84 -30.37 3.80 -37.17
CA ALA A 84 -30.77 2.67 -38.01
C ALA A 84 -29.72 2.39 -39.09
N LEU A 85 -29.16 3.44 -39.67
CA LEU A 85 -28.16 3.26 -40.71
C LEU A 85 -26.86 2.71 -40.13
N ARG A 86 -26.43 3.26 -38.99
CA ARG A 86 -25.14 2.87 -38.42
C ARG A 86 -25.12 1.39 -38.07
N ILE A 87 -26.19 0.88 -37.44
CA ILE A 87 -26.22 -0.54 -37.10
C ILE A 87 -26.25 -1.39 -38.35
N VAL A 88 -26.88 -0.91 -39.42
CA VAL A 88 -26.91 -1.67 -40.67
C VAL A 88 -25.51 -1.76 -41.27
N PHE A 89 -24.82 -0.62 -41.37
CA PHE A 89 -23.47 -0.62 -41.93
C PHE A 89 -22.49 -1.34 -41.02
N MET A 90 -22.69 -1.29 -39.71
CA MET A 90 -21.86 -2.10 -38.82
C MET A 90 -22.07 -3.58 -39.06
N ILE A 91 -23.31 -3.99 -39.25
CA ILE A 91 -23.60 -5.40 -39.58
C ILE A 91 -22.90 -5.78 -40.87
N LEU A 92 -23.01 -4.94 -41.90
CA LEU A 92 -22.32 -5.21 -43.16
C LEU A 92 -20.82 -5.29 -42.96
N LEU A 93 -20.28 -4.37 -42.15
CA LEU A 93 -18.84 -4.34 -41.89
C LEU A 93 -18.41 -5.57 -41.09
N LEU A 94 -19.11 -5.84 -39.98
CA LEU A 94 -18.72 -6.95 -39.11
C LEU A 94 -18.84 -8.29 -39.83
N THR A 95 -19.90 -8.47 -40.64
CA THR A 95 -20.02 -9.72 -41.40
C THR A 95 -18.96 -9.80 -42.49
N GLY A 96 -18.55 -8.66 -43.05
CA GLY A 96 -17.48 -8.67 -44.02
C GLY A 96 -16.15 -9.10 -43.42
N ILE A 97 -15.87 -8.67 -42.19
CA ILE A 97 -14.67 -9.11 -41.49
C ILE A 97 -14.79 -10.59 -41.12
N ILE A 98 -15.88 -10.93 -40.42
CA ILE A 98 -16.12 -12.31 -40.01
C ILE A 98 -16.11 -13.24 -41.22
N GLY A 99 -16.50 -12.73 -42.39
CA GLY A 99 -16.46 -13.49 -43.61
C GLY A 99 -15.07 -13.74 -44.15
N LEU A 100 -14.26 -12.69 -44.27
CA LEU A 100 -12.92 -12.84 -44.85
C LEU A 100 -12.03 -13.71 -43.96
N LYS A 101 -12.16 -13.57 -42.63
CA LYS A 101 -11.32 -14.37 -41.74
C LYS A 101 -11.79 -15.81 -41.68
N ALA A 102 -13.07 -16.07 -41.93
CA ALA A 102 -13.56 -17.44 -41.90
C ALA A 102 -13.13 -18.22 -43.14
N THR A 103 -13.19 -17.58 -44.31
CA THR A 103 -12.84 -18.25 -45.56
C THR A 103 -11.34 -18.43 -45.77
N SER A 104 -10.52 -18.06 -44.79
CA SER A 104 -9.08 -18.20 -44.92
C SER A 104 -8.62 -19.58 -44.48
N MET B 1 -9.96 13.90 -40.53
CA MET B 1 -8.59 13.66 -40.11
C MET B 1 -8.51 12.46 -39.17
N ALA B 2 -9.49 12.35 -38.27
CA ALA B 2 -9.57 11.18 -37.40
C ALA B 2 -9.78 9.91 -38.20
N TRP B 3 -10.50 10.00 -39.32
CA TRP B 3 -10.67 8.85 -40.19
C TRP B 3 -9.41 8.58 -41.01
N LEU B 4 -8.72 9.65 -41.45
CA LEU B 4 -7.45 9.47 -42.14
C LEU B 4 -6.45 8.70 -41.28
N ILE B 5 -6.39 9.03 -39.99
CA ILE B 5 -5.50 8.32 -39.08
C ILE B 5 -5.90 6.85 -38.97
N LEU B 6 -7.20 6.58 -38.92
CA LEU B 6 -7.68 5.20 -38.84
C LEU B 6 -7.27 4.40 -40.06
N ILE B 7 -7.36 5.00 -41.25
CA ILE B 7 -6.92 4.31 -42.46
C ILE B 7 -5.45 3.94 -42.35
N ILE B 8 -4.61 4.91 -41.98
CA ILE B 8 -3.19 4.64 -41.80
C ILE B 8 -2.99 3.62 -40.68
N ALA B 9 -3.79 3.71 -39.62
CA ALA B 9 -3.68 2.76 -38.51
C ALA B 9 -4.01 1.35 -38.98
N GLY B 10 -5.12 1.20 -39.72
CA GLY B 10 -5.47 -0.10 -40.26
C GLY B 10 -4.44 -0.61 -41.25
N ILE B 11 -3.76 0.29 -41.96
CA ILE B 11 -2.71 -0.11 -42.87
C ILE B 11 -1.56 -0.77 -42.11
N PHE B 12 -1.17 -0.18 -40.97
CA PHE B 12 -0.09 -0.76 -40.19
C PHE B 12 -0.52 -2.02 -39.47
N GLU B 13 -1.83 -2.25 -39.32
CA GLU B 13 -2.29 -3.50 -38.70
C GLU B 13 -1.85 -4.71 -39.50
N VAL B 14 -1.87 -4.60 -40.83
CA VAL B 14 -1.52 -5.74 -41.67
C VAL B 14 -0.01 -5.88 -41.82
N VAL B 15 0.74 -4.77 -41.79
CA VAL B 15 2.17 -4.86 -42.03
C VAL B 15 2.87 -5.57 -40.87
N TRP B 16 2.48 -5.27 -39.63
CA TRP B 16 3.09 -6.00 -38.52
C TRP B 16 2.54 -7.42 -38.43
N ALA B 17 1.37 -7.68 -39.01
CA ALA B 17 0.85 -9.03 -39.07
C ALA B 17 1.64 -9.89 -40.06
N ILE B 18 1.95 -9.35 -41.23
CA ILE B 18 2.75 -10.10 -42.19
C ILE B 18 4.22 -10.11 -41.78
N ALA B 19 4.69 -9.06 -41.11
CA ALA B 19 6.07 -9.08 -40.62
C ALA B 19 6.23 -10.01 -39.43
N LEU B 20 5.14 -10.33 -38.73
CA LEU B 20 5.22 -11.27 -37.62
C LEU B 20 5.47 -12.69 -38.12
N LYS B 21 4.88 -13.05 -39.26
CA LYS B 21 5.11 -14.36 -39.82
C LYS B 21 6.39 -14.42 -40.64
N TYR B 22 6.82 -13.30 -41.22
CA TYR B 22 8.12 -13.27 -41.88
C TYR B 22 9.26 -13.27 -40.88
N SER B 23 9.01 -12.85 -39.64
CA SER B 23 9.87 -13.18 -38.54
C SER B 23 9.57 -14.61 -38.08
N ASN B 24 10.59 -15.29 -37.56
CA ASN B 24 10.39 -16.63 -37.03
C ASN B 24 9.75 -16.54 -35.65
N GLY B 25 10.41 -17.07 -34.64
CA GLY B 25 9.91 -16.95 -33.28
C GLY B 25 10.23 -15.59 -32.67
N PHE B 26 9.92 -14.52 -33.40
CA PHE B 26 10.30 -13.16 -33.03
C PHE B 26 11.82 -13.04 -32.94
N THR B 27 12.51 -13.58 -33.94
CA THR B 27 13.96 -13.71 -33.92
C THR B 27 14.67 -12.99 -35.06
N ARG B 28 14.06 -12.87 -36.24
CA ARG B 28 14.69 -12.13 -37.32
C ARG B 28 14.60 -10.64 -37.04
N LEU B 29 15.76 -9.97 -37.01
CA LEU B 29 15.82 -8.57 -36.57
C LEU B 29 14.92 -7.69 -37.42
N ILE B 30 15.17 -7.64 -38.73
CA ILE B 30 14.42 -6.72 -39.60
C ILE B 30 12.93 -6.98 -39.54
N PRO B 31 12.42 -8.22 -39.68
CA PRO B 31 10.98 -8.42 -39.50
C PRO B 31 10.50 -8.09 -38.10
N SER B 32 11.22 -8.50 -37.06
CA SER B 32 10.78 -8.23 -35.69
C SER B 32 10.70 -6.74 -35.42
N MET B 33 11.68 -5.97 -35.92
CA MET B 33 11.62 -4.54 -35.76
C MET B 33 10.48 -3.92 -36.56
N ILE B 34 9.97 -4.60 -37.59
CA ILE B 34 8.83 -4.05 -38.33
C ILE B 34 7.53 -4.38 -37.60
N THR B 35 7.54 -5.44 -36.79
CA THR B 35 6.34 -5.81 -36.04
C THR B 35 6.11 -4.86 -34.86
N LEU B 36 7.19 -4.49 -34.17
CA LEU B 36 7.08 -3.68 -32.96
C LEU B 36 6.71 -2.24 -33.27
N ILE B 37 7.51 -1.59 -34.15
CA ILE B 37 7.18 -0.27 -34.73
C ILE B 37 5.78 -0.28 -35.33
N GLY B 38 5.47 -1.29 -36.14
CA GLY B 38 4.13 -1.37 -36.72
C GLY B 38 3.06 -1.44 -35.66
N MET B 39 3.24 -2.33 -34.68
CA MET B 39 2.29 -2.44 -33.57
C MET B 39 2.17 -1.10 -32.84
N LEU B 40 3.29 -0.53 -32.41
CA LEU B 40 3.26 0.71 -31.65
C LEU B 40 2.60 1.83 -32.45
N ILE B 41 2.91 1.92 -33.75
CA ILE B 41 2.27 2.94 -34.59
C ILE B 41 0.79 2.66 -34.73
N SER B 42 0.44 1.39 -35.00
CA SER B 42 -0.97 1.02 -35.17
C SER B 42 -1.79 1.34 -33.93
N PHE B 43 -1.33 0.86 -32.76
CA PHE B 43 -2.05 1.11 -31.52
C PHE B 43 -2.06 2.59 -31.15
N TYR B 44 -0.97 3.31 -31.44
CA TYR B 44 -0.93 4.73 -31.16
C TYR B 44 -1.95 5.48 -32.02
N LEU B 45 -1.89 5.30 -33.33
CA LEU B 45 -2.83 5.96 -34.23
C LEU B 45 -4.27 5.58 -33.92
N LEU B 46 -4.49 4.37 -33.43
CA LEU B 46 -5.84 3.97 -33.01
C LEU B 46 -6.29 4.76 -31.79
N SER B 47 -5.40 4.92 -30.80
CA SER B 47 -5.77 5.67 -29.60
C SER B 47 -6.10 7.12 -29.94
N GLN B 48 -5.39 7.69 -30.90
CA GLN B 48 -5.70 9.06 -31.34
C GLN B 48 -7.08 9.12 -31.98
N ALA B 49 -7.35 8.20 -32.92
CA ALA B 49 -8.64 8.18 -33.60
C ALA B 49 -9.79 7.94 -32.63
N THR B 50 -9.57 7.13 -31.60
CA THR B 50 -10.61 6.89 -30.61
C THR B 50 -10.83 8.06 -29.68
N LYS B 51 -9.93 9.05 -29.67
CA LYS B 51 -10.16 10.25 -28.86
C LYS B 51 -11.39 11.01 -29.34
N THR B 52 -11.68 10.97 -30.64
CA THR B 52 -12.79 11.72 -31.21
C THR B 52 -13.85 10.85 -31.88
N LEU B 53 -13.56 9.58 -32.15
CA LEU B 53 -14.50 8.72 -32.84
C LEU B 53 -15.03 7.63 -31.91
N PRO B 54 -16.22 7.10 -32.18
CA PRO B 54 -16.78 6.04 -31.33
C PRO B 54 -15.86 4.81 -31.33
N ILE B 55 -15.81 4.14 -30.18
CA ILE B 55 -14.91 3.00 -30.04
C ILE B 55 -15.38 1.83 -30.88
N GLY B 56 -16.69 1.55 -30.88
CA GLY B 56 -17.21 0.45 -31.67
C GLY B 56 -17.08 0.69 -33.16
N THR B 57 -17.15 1.95 -33.58
CA THR B 57 -16.92 2.28 -34.98
C THR B 57 -15.43 2.28 -35.32
N ALA B 58 -14.61 2.86 -34.45
CA ALA B 58 -13.17 2.90 -34.70
C ALA B 58 -12.56 1.50 -34.68
N TYR B 59 -13.01 0.65 -33.77
CA TYR B 59 -12.47 -0.71 -33.72
C TYR B 59 -12.84 -1.49 -34.97
N ALA B 60 -14.09 -1.38 -35.42
CA ALA B 60 -14.56 -2.18 -36.55
C ALA B 60 -13.83 -1.78 -37.83
N ILE B 61 -13.73 -0.48 -38.10
CA ILE B 61 -13.02 -0.02 -39.29
C ILE B 61 -11.54 -0.35 -39.19
N TRP B 62 -10.98 -0.24 -37.99
CA TRP B 62 -9.58 -0.59 -37.77
C TRP B 62 -9.32 -2.05 -38.11
N THR B 63 -10.13 -2.96 -37.56
CA THR B 63 -10.00 -4.37 -37.90
C THR B 63 -10.37 -4.62 -39.37
N GLY B 64 -11.37 -3.90 -39.87
CA GLY B 64 -11.79 -4.11 -41.25
C GLY B 64 -10.70 -3.81 -42.26
N ILE B 65 -10.02 -2.68 -42.09
CA ILE B 65 -8.90 -2.33 -42.98
C ILE B 65 -7.80 -3.37 -42.87
N GLY B 66 -7.45 -3.75 -41.64
CA GLY B 66 -6.44 -4.79 -41.46
C GLY B 66 -6.83 -6.11 -42.08
N ALA B 67 -8.11 -6.47 -41.97
CA ALA B 67 -8.58 -7.70 -42.60
C ALA B 67 -8.66 -7.56 -44.12
N LEU B 68 -9.08 -6.38 -44.59
CA LEU B 68 -9.15 -6.16 -46.04
C LEU B 68 -7.76 -6.17 -46.66
N GLY B 69 -6.83 -5.37 -46.12
CA GLY B 69 -5.50 -5.33 -46.67
C GLY B 69 -4.77 -6.67 -46.57
N ALA B 70 -5.18 -7.50 -45.61
CA ALA B 70 -4.59 -8.83 -45.50
C ALA B 70 -4.95 -9.69 -46.70
N VAL B 71 -6.20 -9.63 -47.14
CA VAL B 71 -6.61 -10.39 -48.33
C VAL B 71 -6.00 -9.80 -49.58
N ILE B 72 -5.92 -8.47 -49.65
CA ILE B 72 -5.31 -7.81 -50.81
C ILE B 72 -3.85 -8.18 -50.92
N CYS B 73 -3.16 -8.32 -49.78
CA CYS B 73 -1.75 -8.73 -49.81
C CYS B 73 -1.60 -10.21 -50.09
N GLY B 74 -2.52 -11.04 -49.58
CA GLY B 74 -2.45 -12.47 -49.86
C GLY B 74 -2.70 -12.78 -51.31
N ILE B 75 -3.69 -12.12 -51.91
CA ILE B 75 -4.01 -12.37 -53.32
C ILE B 75 -2.87 -11.90 -54.21
N ILE B 76 -2.20 -10.82 -53.83
CA ILE B 76 -1.17 -10.22 -54.68
C ILE B 76 0.22 -10.74 -54.33
N PHE B 77 0.59 -10.67 -53.05
CA PHE B 77 1.95 -11.02 -52.61
C PHE B 77 2.03 -12.45 -52.07
N PHE B 78 1.17 -13.34 -52.52
CA PHE B 78 1.19 -14.71 -52.01
C PHE B 78 0.43 -15.68 -52.92
N LYS B 79 -0.20 -15.18 -53.97
CA LYS B 79 -0.97 -15.99 -54.92
C LYS B 79 -2.07 -16.76 -54.18
N GLU B 80 -3.10 -16.01 -53.78
CA GLU B 80 -4.21 -16.52 -52.99
C GLU B 80 -5.44 -16.75 -53.86
N PRO B 81 -6.16 -17.85 -53.65
CA PRO B 81 -7.38 -18.10 -54.44
C PRO B 81 -8.43 -17.03 -54.21
N LEU B 82 -8.76 -16.31 -55.28
CA LEU B 82 -9.78 -15.27 -55.24
C LEU B 82 -11.15 -15.92 -55.44
N THR B 83 -11.95 -15.95 -54.37
CA THR B 83 -13.25 -16.58 -54.39
C THR B 83 -14.34 -15.55 -54.58
N ALA B 84 -15.41 -15.95 -55.29
CA ALA B 84 -16.60 -15.10 -55.36
C ALA B 84 -17.12 -14.77 -53.97
N LEU B 85 -17.01 -15.71 -53.03
CA LEU B 85 -17.34 -15.44 -51.64
C LEU B 85 -16.43 -14.36 -51.06
N ARG B 86 -15.13 -14.44 -51.35
CA ARG B 86 -14.21 -13.44 -50.83
C ARG B 86 -14.47 -12.07 -51.45
N ILE B 87 -14.85 -12.05 -52.73
CA ILE B 87 -15.16 -10.78 -53.38
C ILE B 87 -16.35 -10.12 -52.70
N VAL B 88 -17.45 -10.86 -52.52
CA VAL B 88 -18.62 -10.27 -51.90
C VAL B 88 -18.36 -9.96 -50.43
N PHE B 89 -17.58 -10.78 -49.74
CA PHE B 89 -17.20 -10.46 -48.37
C PHE B 89 -16.39 -9.16 -48.33
N MET B 90 -15.44 -9.00 -49.25
CA MET B 90 -14.70 -7.76 -49.35
C MET B 90 -15.64 -6.60 -49.69
N ILE B 91 -16.62 -6.85 -50.56
CA ILE B 91 -17.59 -5.82 -50.90
C ILE B 91 -18.38 -5.39 -49.67
N LEU B 92 -18.89 -6.37 -48.91
CA LEU B 92 -19.57 -6.06 -47.66
C LEU B 92 -18.71 -5.23 -46.73
N LEU B 93 -17.40 -5.49 -46.74
CA LEU B 93 -16.48 -4.79 -45.85
C LEU B 93 -16.33 -3.33 -46.25
N LEU B 94 -15.98 -3.08 -47.52
CA LEU B 94 -15.87 -1.71 -48.00
C LEU B 94 -17.22 -1.00 -47.98
N THR B 95 -18.32 -1.76 -48.15
CA THR B 95 -19.64 -1.15 -48.05
C THR B 95 -19.89 -0.62 -46.63
N GLY B 96 -19.48 -1.38 -45.62
CA GLY B 96 -19.71 -0.95 -44.25
C GLY B 96 -18.79 0.18 -43.83
N ILE B 97 -17.53 0.15 -44.28
CA ILE B 97 -16.59 1.20 -43.92
C ILE B 97 -17.00 2.53 -44.53
N ILE B 98 -17.28 2.52 -45.84
CA ILE B 98 -17.72 3.75 -46.50
C ILE B 98 -19.07 4.20 -45.94
N GLY B 99 -19.92 3.26 -45.58
CA GLY B 99 -21.22 3.61 -45.03
C GLY B 99 -21.14 4.29 -43.69
N LEU B 100 -20.27 3.78 -42.80
CA LEU B 100 -20.10 4.41 -41.49
C LEU B 100 -19.52 5.81 -41.61
N LYS B 101 -18.56 5.99 -42.52
CA LYS B 101 -17.98 7.32 -42.74
C LYS B 101 -19.04 8.31 -43.22
N ALA B 102 -19.99 7.84 -44.02
CA ALA B 102 -21.01 8.73 -44.56
C ALA B 102 -22.02 9.15 -43.49
N THR B 103 -22.20 8.34 -42.45
CA THR B 103 -23.14 8.65 -41.39
C THR B 103 -22.47 9.34 -40.20
N SER B 104 -21.34 9.99 -40.42
CA SER B 104 -20.62 10.67 -39.34
C SER B 104 -21.36 11.93 -38.90
N MET C 1 3.11 23.15 37.99
CA MET C 1 1.92 22.45 37.54
C MET C 1 2.30 21.21 36.74
N ALA C 2 3.29 21.35 35.87
CA ALA C 2 3.79 20.20 35.12
C ALA C 2 4.42 19.17 36.05
N TRP C 3 5.15 19.64 37.06
CA TRP C 3 5.67 18.73 38.08
C TRP C 3 4.55 18.19 38.96
N LEU C 4 3.53 19.01 39.24
CA LEU C 4 2.37 18.52 39.97
C LEU C 4 1.71 17.36 39.24
N ILE C 5 1.68 17.42 37.90
CA ILE C 5 1.12 16.33 37.12
C ILE C 5 2.00 15.08 37.25
N LEU C 6 3.32 15.27 37.30
CA LEU C 6 4.23 14.14 37.42
C LEU C 6 4.01 13.37 38.72
N ILE C 7 3.89 14.09 39.84
CA ILE C 7 3.68 13.43 41.12
C ILE C 7 2.38 12.65 41.10
N ILE C 8 1.32 13.22 40.54
CA ILE C 8 0.06 12.50 40.41
C ILE C 8 0.22 11.31 39.47
N ALA C 9 1.00 11.48 38.40
CA ALA C 9 1.24 10.38 37.47
C ALA C 9 2.02 9.26 38.16
N GLY C 10 3.04 9.61 38.94
CA GLY C 10 3.78 8.60 39.68
C GLY C 10 2.97 7.95 40.77
N ILE C 11 2.03 8.69 41.36
CA ILE C 11 1.14 8.10 42.36
C ILE C 11 0.28 7.01 41.72
N PHE C 12 -0.35 7.33 40.58
CA PHE C 12 -1.14 6.32 39.90
C PHE C 12 -0.29 5.18 39.37
N GLU C 13 1.01 5.40 39.18
CA GLU C 13 1.89 4.31 38.80
C GLU C 13 1.93 3.21 39.85
N VAL C 14 1.75 3.57 41.13
CA VAL C 14 1.71 2.57 42.18
C VAL C 14 0.30 2.07 42.48
N VAL C 15 -0.74 2.84 42.16
CA VAL C 15 -2.09 2.38 42.44
C VAL C 15 -2.49 1.24 41.50
N TRP C 16 -2.08 1.33 40.23
CA TRP C 16 -2.34 0.22 39.32
C TRP C 16 -1.33 -0.91 39.51
N ALA C 17 -0.18 -0.60 40.11
CA ALA C 17 0.78 -1.65 40.43
C ALA C 17 0.30 -2.51 41.59
N ILE C 18 -0.23 -1.88 42.66
CA ILE C 18 -0.72 -2.64 43.80
C ILE C 18 -2.09 -3.23 43.55
N ALA C 19 -2.86 -2.67 42.61
CA ALA C 19 -4.15 -3.26 42.27
C ALA C 19 -4.02 -4.40 41.26
N LEU C 20 -2.90 -4.46 40.53
CA LEU C 20 -2.68 -5.55 39.59
C LEU C 20 -2.45 -6.86 40.31
N LYS C 21 -1.81 -6.82 41.48
CA LYS C 21 -1.65 -8.03 42.28
C LYS C 21 -2.91 -8.35 43.07
N TYR C 22 -3.68 -7.34 43.47
CA TYR C 22 -4.97 -7.59 44.09
C TYR C 22 -6.01 -8.07 43.08
N SER C 23 -5.73 -7.94 41.79
CA SER C 23 -6.42 -8.72 40.77
C SER C 23 -5.65 -10.01 40.54
N ASN C 24 -6.36 -11.06 40.13
CA ASN C 24 -5.69 -12.29 39.74
C ASN C 24 -5.17 -12.13 38.33
N GLY C 25 -5.35 -13.15 37.49
CA GLY C 25 -4.93 -13.04 36.10
C GLY C 25 -5.74 -12.02 35.32
N PHE C 26 -5.81 -10.79 35.84
CA PHE C 26 -6.67 -9.74 35.29
C PHE C 26 -8.13 -10.17 35.30
N THR C 27 -8.56 -10.79 36.40
CA THR C 27 -9.87 -11.42 36.47
C THR C 27 -10.78 -10.88 37.56
N ARG C 28 -10.24 -10.26 38.62
CA ARG C 28 -11.07 -9.62 39.62
C ARG C 28 -11.51 -8.26 39.12
N LEU C 29 -12.83 -8.06 38.98
CA LEU C 29 -13.40 -6.88 38.33
C LEU C 29 -12.84 -5.58 38.89
N ILE C 30 -13.17 -5.25 40.14
CA ILE C 30 -12.76 -3.98 40.71
C ILE C 30 -11.23 -3.81 40.69
N PRO C 31 -10.42 -4.78 41.13
CA PRO C 31 -8.97 -4.60 40.98
C PRO C 31 -8.52 -4.46 39.54
N SER C 32 -9.12 -5.20 38.61
CA SER C 32 -8.74 -5.07 37.21
C SER C 32 -9.13 -3.70 36.65
N MET C 33 -10.26 -3.15 37.10
CA MET C 33 -10.68 -1.84 36.62
C MET C 33 -9.79 -0.74 37.19
N ILE C 34 -9.38 -0.87 38.45
CA ILE C 34 -8.48 0.13 39.05
C ILE C 34 -7.17 0.18 38.27
N THR C 35 -6.63 -0.98 37.90
CA THR C 35 -5.38 -1.02 37.16
C THR C 35 -5.52 -0.32 35.81
N LEU C 36 -6.56 -0.68 35.05
CA LEU C 36 -6.72 -0.14 33.71
C LEU C 36 -6.92 1.37 33.75
N ILE C 37 -7.78 1.84 34.65
CA ILE C 37 -7.94 3.29 34.83
C ILE C 37 -6.66 3.88 35.39
N GLY C 38 -6.00 3.17 36.30
CA GLY C 38 -4.74 3.66 36.86
C GLY C 38 -3.65 3.79 35.80
N MET C 39 -3.58 2.80 34.90
CA MET C 39 -2.59 2.87 33.81
C MET C 39 -2.91 4.02 32.87
N LEU C 40 -4.14 4.08 32.36
CA LEU C 40 -4.51 5.13 31.42
C LEU C 40 -4.28 6.52 32.01
N ILE C 41 -4.54 6.69 33.31
CA ILE C 41 -4.28 7.97 33.94
C ILE C 41 -2.79 8.20 34.12
N SER C 42 -2.05 7.18 34.55
CA SER C 42 -0.62 7.33 34.77
C SER C 42 0.10 7.63 33.46
N PHE C 43 -0.32 7.00 32.36
CA PHE C 43 0.32 7.22 31.07
C PHE C 43 -0.15 8.52 30.42
N TYR C 44 -1.42 8.89 30.63
CA TYR C 44 -1.91 10.16 30.08
C TYR C 44 -1.20 11.34 30.74
N LEU C 45 -1.17 11.36 32.07
CA LEU C 45 -0.51 12.44 32.79
C LEU C 45 0.98 12.51 32.46
N LEU C 46 1.61 11.34 32.29
CA LEU C 46 3.02 11.31 31.93
C LEU C 46 3.25 11.95 30.56
N SER C 47 2.34 11.71 29.61
CA SER C 47 2.47 12.30 28.28
C SER C 47 2.34 13.81 28.33
N GLN C 48 1.41 14.32 29.15
CA GLN C 48 1.24 15.76 29.28
C GLN C 48 2.49 16.41 29.85
N ALA C 49 3.05 15.82 30.91
CA ALA C 49 4.22 16.39 31.55
C ALA C 49 5.41 16.44 30.60
N THR C 50 5.53 15.45 29.71
CA THR C 50 6.65 15.42 28.76
C THR C 50 6.53 16.47 27.67
N LYS C 51 5.43 17.24 27.61
CA LYS C 51 5.34 18.32 26.64
C LYS C 51 6.19 19.52 27.04
N THR C 52 6.33 19.77 28.34
CA THR C 52 7.13 20.89 28.82
C THR C 52 8.36 20.46 29.58
N LEU C 53 8.49 19.19 29.94
CA LEU C 53 9.59 18.69 30.75
C LEU C 53 10.44 17.71 29.95
N PRO C 54 11.74 17.62 30.26
CA PRO C 54 12.60 16.66 29.56
C PRO C 54 12.10 15.23 29.75
N ILE C 55 12.38 14.40 28.75
CA ILE C 55 11.92 13.01 28.81
C ILE C 55 12.71 12.22 29.84
N GLY C 56 14.01 12.48 29.94
CA GLY C 56 14.83 11.76 30.91
C GLY C 56 14.52 12.13 32.34
N THR C 57 14.09 13.37 32.57
CA THR C 57 13.73 13.80 33.93
C THR C 57 12.32 13.36 34.28
N ALA C 58 11.40 13.41 33.33
CA ALA C 58 10.03 12.96 33.59
C ALA C 58 10.00 11.46 33.87
N TYR C 59 10.64 10.67 33.01
CA TYR C 59 10.64 9.22 33.20
C TYR C 59 11.30 8.83 34.53
N ALA C 60 12.37 9.52 34.91
CA ALA C 60 13.09 9.14 36.12
C ALA C 60 12.29 9.46 37.38
N ILE C 61 11.64 10.63 37.41
CA ILE C 61 10.83 10.99 38.57
C ILE C 61 9.54 10.19 38.59
N TRP C 62 8.91 10.01 37.43
CA TRP C 62 7.72 9.17 37.32
C TRP C 62 7.98 7.78 37.87
N THR C 63 9.10 7.17 37.48
CA THR C 63 9.49 5.89 38.04
C THR C 63 9.81 6.01 39.52
N GLY C 64 10.52 7.07 39.92
CA GLY C 64 10.91 7.22 41.31
C GLY C 64 9.72 7.29 42.25
N ILE C 65 8.71 8.08 41.89
CA ILE C 65 7.50 8.16 42.70
C ILE C 65 6.81 6.80 42.77
N GLY C 66 6.75 6.09 41.65
CA GLY C 66 6.21 4.75 41.67
C GLY C 66 7.00 3.81 42.56
N ALA C 67 8.32 3.99 42.60
CA ALA C 67 9.15 3.17 43.48
C ALA C 67 8.97 3.58 44.93
N LEU C 68 9.05 4.88 45.22
CA LEU C 68 8.87 5.36 46.59
C LEU C 68 7.48 5.03 47.11
N GLY C 69 6.46 5.17 46.25
CA GLY C 69 5.11 4.82 46.66
C GLY C 69 4.91 3.34 46.90
N ALA C 70 5.63 2.50 46.17
CA ALA C 70 5.55 1.06 46.40
C ALA C 70 6.21 0.67 47.71
N VAL C 71 7.34 1.30 48.04
CA VAL C 71 8.00 1.03 49.32
C VAL C 71 7.16 1.55 50.47
N ILE C 72 6.64 2.79 50.34
CA ILE C 72 5.81 3.36 51.39
C ILE C 72 4.57 2.50 51.62
N CYS C 73 3.90 2.10 50.55
CA CYS C 73 2.74 1.22 50.68
C CYS C 73 3.16 -0.16 51.17
N GLY C 74 4.32 -0.64 50.74
CA GLY C 74 4.79 -1.93 51.19
C GLY C 74 5.05 -1.98 52.68
N ILE C 75 5.66 -0.92 53.23
CA ILE C 75 5.93 -0.87 54.66
C ILE C 75 4.63 -0.70 55.44
N ILE C 76 3.71 0.11 54.92
CA ILE C 76 2.52 0.48 55.66
C ILE C 76 1.39 -0.52 55.43
N PHE C 77 1.14 -0.90 54.18
CA PHE C 77 0.02 -1.76 53.83
C PHE C 77 0.44 -3.19 53.51
N PHE C 78 1.53 -3.67 54.12
CA PHE C 78 1.97 -5.04 53.84
C PHE C 78 2.93 -5.56 54.92
N LYS C 79 3.31 -4.69 55.87
CA LYS C 79 4.26 -5.06 56.92
C LYS C 79 5.59 -5.49 56.30
N GLU C 80 6.38 -4.53 55.83
CA GLU C 80 7.63 -4.75 55.11
C GLU C 80 8.83 -4.43 55.98
N PRO C 81 9.90 -5.24 55.92
CA PRO C 81 11.10 -4.95 56.72
C PRO C 81 11.77 -3.64 56.31
N LEU C 82 11.69 -2.65 57.19
CA LEU C 82 12.34 -1.36 56.94
C LEU C 82 13.83 -1.50 57.20
N THR C 83 14.63 -1.37 56.14
CA THR C 83 16.07 -1.52 56.22
C THR C 83 16.74 -0.16 56.33
N ALA C 84 17.88 -0.13 57.02
CA ALA C 84 18.73 1.06 56.98
C ALA C 84 19.19 1.38 55.56
N LEU C 85 19.41 0.34 54.76
CA LEU C 85 19.76 0.54 53.35
C LEU C 85 18.61 1.15 52.58
N ARG C 86 17.41 0.60 52.74
CA ARG C 86 16.25 1.14 52.03
C ARG C 86 15.95 2.57 52.44
N ILE C 87 16.33 2.95 53.66
CA ILE C 87 16.13 4.33 54.10
C ILE C 87 17.05 5.27 53.35
N VAL C 88 18.32 4.90 53.18
CA VAL C 88 19.24 5.77 52.44
C VAL C 88 18.93 5.75 50.95
N PHE C 89 18.40 4.63 50.44
CA PHE C 89 17.98 4.59 49.04
C PHE C 89 16.75 5.46 48.82
N MET C 90 15.84 5.50 49.79
CA MET C 90 14.73 6.43 49.73
C MET C 90 15.20 7.87 49.87
N ILE C 91 16.25 8.09 50.68
CA ILE C 91 16.82 9.43 50.80
C ILE C 91 17.48 9.84 49.47
N LEU C 92 18.27 8.95 48.88
CA LEU C 92 18.82 9.21 47.55
C LEU C 92 17.72 9.54 46.55
N LEU C 93 16.61 8.81 46.63
CA LEU C 93 15.50 9.03 45.70
C LEU C 93 14.85 10.40 45.93
N LEU C 94 14.44 10.66 47.18
CA LEU C 94 13.86 11.96 47.50
C LEU C 94 14.84 13.09 47.21
N THR C 95 16.13 12.89 47.54
CA THR C 95 17.13 13.89 47.22
C THR C 95 17.27 14.07 45.71
N GLY C 96 17.13 12.99 44.94
CA GLY C 96 17.23 13.10 43.49
C GLY C 96 16.06 13.85 42.89
N ILE C 97 14.84 13.50 43.30
CA ILE C 97 13.66 14.17 42.75
C ILE C 97 13.62 15.64 43.15
N ILE C 98 13.74 15.90 44.46
CA ILE C 98 13.76 17.28 44.94
C ILE C 98 14.88 18.06 44.28
N GLY C 99 16.03 17.42 44.08
CA GLY C 99 17.15 18.09 43.45
C GLY C 99 16.93 18.41 41.99
N LEU C 100 16.13 17.60 41.30
CA LEU C 100 15.86 17.86 39.89
C LEU C 100 14.89 19.01 39.70
N LYS C 101 13.86 19.09 40.56
CA LYS C 101 12.93 20.22 40.50
C LYS C 101 13.65 21.53 40.73
N ALA C 102 14.59 21.56 41.67
CA ALA C 102 15.31 22.77 42.03
C ALA C 102 16.40 23.15 41.03
N THR C 103 16.43 22.54 39.85
CA THR C 103 17.35 22.91 38.79
C THR C 103 16.60 23.22 37.51
N SER C 104 15.35 23.65 37.62
CA SER C 104 14.53 23.95 36.46
C SER C 104 15.01 25.20 35.74
N MET D 1 20.29 -16.93 29.57
CA MET D 1 19.75 -16.34 28.36
C MET D 1 18.70 -15.28 28.69
N ALA D 2 17.91 -15.54 29.72
CA ALA D 2 16.84 -14.63 30.12
C ALA D 2 17.35 -13.25 30.53
N TRP D 3 18.67 -13.08 30.64
CA TRP D 3 19.21 -11.75 30.93
C TRP D 3 19.21 -10.87 29.69
N LEU D 4 19.58 -11.43 28.52
CA LEU D 4 19.65 -10.64 27.31
C LEU D 4 18.28 -10.11 26.92
N ILE D 5 17.23 -10.91 27.12
CA ILE D 5 15.88 -10.42 26.83
C ILE D 5 15.50 -9.34 27.83
N LEU D 6 15.98 -9.43 29.07
CA LEU D 6 15.75 -8.35 30.03
C LEU D 6 16.46 -7.07 29.59
N ILE D 7 17.64 -7.22 28.98
CA ILE D 7 18.30 -6.08 28.36
C ILE D 7 17.41 -5.50 27.27
N ILE D 8 16.90 -6.37 26.38
CA ILE D 8 16.00 -5.94 25.32
C ILE D 8 14.72 -5.36 25.90
N ALA D 9 14.27 -5.88 27.04
CA ALA D 9 13.10 -5.31 27.71
C ALA D 9 13.38 -3.88 28.16
N GLY D 10 14.55 -3.64 28.74
CA GLY D 10 14.91 -2.28 29.11
C GLY D 10 15.15 -1.38 27.91
N ILE D 11 15.53 -1.96 26.78
CA ILE D 11 15.71 -1.16 25.56
C ILE D 11 14.39 -0.60 25.10
N PHE D 12 13.40 -1.47 24.88
CA PHE D 12 12.07 -1.02 24.48
C PHE D 12 11.43 -0.13 25.53
N GLU D 13 11.89 -0.20 26.78
CA GLU D 13 11.44 0.75 27.78
C GLU D 13 11.91 2.16 27.45
N VAL D 14 13.15 2.29 26.96
CA VAL D 14 13.63 3.56 26.44
C VAL D 14 12.89 3.92 25.15
N VAL D 15 12.52 2.91 24.36
CA VAL D 15 11.91 3.16 23.05
C VAL D 15 10.58 3.90 23.21
N TRP D 16 9.67 3.33 24.01
CA TRP D 16 8.39 4.01 24.20
C TRP D 16 8.55 5.31 24.98
N ALA D 17 9.68 5.51 25.65
CA ALA D 17 9.93 6.78 26.32
C ALA D 17 10.21 7.88 25.31
N ILE D 18 11.14 7.64 24.38
CA ILE D 18 11.41 8.63 23.34
C ILE D 18 10.21 8.77 22.40
N ALA D 19 9.55 7.65 22.09
CA ALA D 19 8.37 7.71 21.24
C ALA D 19 7.25 8.49 21.90
N LEU D 20 7.18 8.49 23.23
CA LEU D 20 6.17 9.29 23.93
C LEU D 20 6.48 10.77 23.85
N LYS D 21 7.76 11.14 23.87
CA LYS D 21 8.13 12.55 23.74
C LYS D 21 7.84 13.06 22.34
N TYR D 22 7.99 12.20 21.32
CA TYR D 22 7.70 12.61 19.95
C TYR D 22 6.21 12.79 19.71
N SER D 23 5.37 12.12 20.49
CA SER D 23 3.93 12.13 20.23
C SER D 23 3.24 13.39 20.71
N ASN D 24 3.92 14.22 21.51
CA ASN D 24 3.37 15.49 22.01
C ASN D 24 2.03 15.25 22.72
N GLY D 25 2.06 14.36 23.70
CA GLY D 25 0.87 14.05 24.48
C GLY D 25 -0.11 13.15 23.76
N PHE D 26 0.39 12.04 23.20
CA PHE D 26 -0.42 11.05 22.48
C PHE D 26 -1.29 11.70 21.42
N THR D 27 -0.68 12.61 20.64
CA THR D 27 -1.41 13.30 19.58
C THR D 27 -0.92 12.98 18.19
N ARG D 28 0.36 12.65 18.01
CA ARG D 28 0.90 12.33 16.69
C ARG D 28 0.86 10.82 16.49
N LEU D 29 0.09 10.38 15.49
CA LEU D 29 0.05 8.98 15.14
C LEU D 29 1.41 8.52 14.62
N ILE D 30 1.80 7.32 15.03
CA ILE D 30 3.06 6.61 14.78
C ILE D 30 3.97 6.74 16.00
N PRO D 31 4.33 7.94 16.48
CA PRO D 31 4.98 7.99 17.80
C PRO D 31 4.09 7.43 18.91
N SER D 32 2.78 7.74 18.85
CA SER D 32 1.87 7.18 19.84
C SER D 32 1.72 5.67 19.68
N MET D 33 1.71 5.20 18.43
CA MET D 33 1.61 3.77 18.19
C MET D 33 2.87 3.03 18.65
N ILE D 34 4.04 3.58 18.31
CA ILE D 34 5.30 3.00 18.77
C ILE D 34 5.37 3.03 20.30
N THR D 35 4.75 4.04 20.92
CA THR D 35 4.72 4.11 22.37
C THR D 35 3.96 2.93 22.96
N LEU D 36 2.72 2.72 22.48
CA LEU D 36 1.89 1.65 23.05
C LEU D 36 2.49 0.28 22.78
N ILE D 37 2.93 0.03 21.55
CA ILE D 37 3.58 -1.25 21.25
C ILE D 37 4.92 -1.34 21.95
N GLY D 38 5.58 -0.20 22.17
CA GLY D 38 6.89 -0.24 22.81
C GLY D 38 6.82 -0.70 24.26
N MET D 39 5.80 -0.25 24.99
CA MET D 39 5.65 -0.68 26.38
C MET D 39 5.05 -2.07 26.48
N LEU D 40 4.24 -2.48 25.50
CA LEU D 40 3.74 -3.85 25.49
C LEU D 40 4.87 -4.85 25.29
N ILE D 41 5.74 -4.58 24.31
CA ILE D 41 6.93 -5.42 24.13
C ILE D 41 7.80 -5.37 25.36
N SER D 42 7.83 -4.23 26.06
CA SER D 42 8.65 -4.10 27.26
C SER D 42 8.07 -4.92 28.41
N PHE D 43 6.76 -4.81 28.65
CA PHE D 43 6.15 -5.53 29.76
C PHE D 43 6.21 -7.04 29.56
N TYR D 44 6.00 -7.50 28.33
CA TYR D 44 5.99 -8.93 28.05
C TYR D 44 7.36 -9.53 28.32
N LEU D 45 8.42 -8.96 27.74
CA LEU D 45 9.76 -9.48 27.95
C LEU D 45 10.20 -9.38 29.39
N LEU D 46 9.67 -8.39 30.13
CA LEU D 46 9.97 -8.29 31.56
C LEU D 46 9.41 -9.47 32.33
N SER D 47 8.11 -9.76 32.13
CA SER D 47 7.50 -10.88 32.82
C SER D 47 8.12 -12.22 32.43
N GLN D 48 8.70 -12.30 31.23
CA GLN D 48 9.37 -13.53 30.81
C GLN D 48 10.75 -13.64 31.46
N ALA D 49 11.54 -12.57 31.42
CA ALA D 49 12.84 -12.58 32.08
C ALA D 49 12.67 -12.75 33.59
N THR D 50 11.67 -12.09 34.17
CA THR D 50 11.42 -12.24 35.60
C THR D 50 10.97 -13.65 35.96
N LYS D 51 10.49 -14.43 34.98
CA LYS D 51 10.12 -15.82 35.24
C LYS D 51 11.32 -16.70 35.53
N THR D 52 12.52 -16.25 35.17
CA THR D 52 13.76 -16.96 35.44
C THR D 52 14.68 -16.20 36.39
N LEU D 53 14.75 -14.89 36.27
CA LEU D 53 15.67 -14.04 37.00
C LEU D 53 15.03 -13.54 38.29
N PRO D 54 15.83 -13.03 39.23
CA PRO D 54 15.25 -12.45 40.45
C PRO D 54 14.39 -11.23 40.10
N ILE D 55 13.16 -11.23 40.60
CA ILE D 55 12.22 -10.15 40.30
C ILE D 55 12.81 -8.80 40.73
N GLY D 56 13.55 -8.79 41.84
CA GLY D 56 14.19 -7.56 42.28
C GLY D 56 15.34 -7.15 41.39
N THR D 57 16.16 -8.12 40.97
CA THR D 57 17.22 -7.83 40.02
C THR D 57 16.64 -7.54 38.63
N ALA D 58 15.52 -8.18 38.29
CA ALA D 58 14.94 -7.99 36.97
C ALA D 58 14.47 -6.56 36.77
N TYR D 59 13.66 -6.04 37.70
CA TYR D 59 13.12 -4.69 37.56
C TYR D 59 14.22 -3.64 37.71
N ALA D 60 15.12 -3.82 38.66
CA ALA D 60 16.16 -2.83 38.89
C ALA D 60 17.00 -2.60 37.63
N ILE D 61 17.35 -3.69 36.93
CA ILE D 61 18.03 -3.54 35.65
C ILE D 61 17.05 -3.06 34.58
N TRP D 62 15.77 -3.43 34.71
CA TRP D 62 14.77 -3.03 33.72
C TRP D 62 14.54 -1.53 33.74
N THR D 63 14.31 -0.95 34.92
CA THR D 63 14.10 0.49 35.01
C THR D 63 15.41 1.26 35.01
N GLY D 64 16.52 0.62 35.39
CA GLY D 64 17.81 1.29 35.29
C GLY D 64 18.19 1.58 33.85
N ILE D 65 18.06 0.58 32.97
CA ILE D 65 18.30 0.80 31.56
C ILE D 65 17.29 1.78 30.98
N GLY D 66 16.03 1.65 31.41
CA GLY D 66 15.00 2.56 30.91
C GLY D 66 15.25 4.00 31.33
N ALA D 67 15.62 4.21 32.60
CA ALA D 67 15.84 5.56 33.09
C ALA D 67 17.14 6.14 32.54
N LEU D 68 18.23 5.40 32.66
CA LEU D 68 19.50 5.87 32.13
C LEU D 68 19.43 6.11 30.63
N GLY D 69 18.75 5.21 29.91
CA GLY D 69 18.65 5.36 28.46
C GLY D 69 17.85 6.58 28.04
N ALA D 70 16.74 6.85 28.75
CA ALA D 70 15.94 8.03 28.42
C ALA D 70 16.72 9.31 28.68
N VAL D 71 17.48 9.35 29.79
CA VAL D 71 18.32 10.50 30.07
C VAL D 71 19.38 10.67 29.00
N ILE D 72 19.88 9.56 28.44
CA ILE D 72 20.89 9.64 27.40
C ILE D 72 20.29 10.06 26.07
N CYS D 73 19.25 9.36 25.62
CA CYS D 73 18.62 9.71 24.35
C CYS D 73 17.92 11.06 24.41
N GLY D 74 17.53 11.52 25.60
CA GLY D 74 16.94 12.83 25.73
C GLY D 74 17.93 13.95 25.46
N ILE D 75 19.11 13.87 26.08
CA ILE D 75 20.14 14.89 25.86
C ILE D 75 20.71 14.81 24.47
N ILE D 76 20.51 13.71 23.76
CA ILE D 76 21.04 13.54 22.41
C ILE D 76 20.03 14.02 21.39
N PHE D 77 18.83 13.42 21.41
CA PHE D 77 17.81 13.73 20.42
C PHE D 77 17.24 15.13 20.67
N PHE D 78 16.54 15.28 21.81
CA PHE D 78 15.86 16.52 22.13
C PHE D 78 16.79 17.57 22.73
N LYS D 79 18.11 17.38 22.62
CA LYS D 79 19.10 18.33 23.11
C LYS D 79 18.77 18.79 24.53
N GLU D 80 18.41 17.82 25.38
CA GLU D 80 18.02 18.14 26.75
C GLU D 80 19.25 18.52 27.57
N PRO D 81 19.07 19.35 28.59
CA PRO D 81 20.22 19.95 29.27
C PRO D 81 21.22 18.93 29.79
N LEU D 82 22.51 19.29 29.72
CA LEU D 82 23.59 18.45 30.21
C LEU D 82 24.42 19.23 31.22
N THR D 83 23.80 19.60 32.33
CA THR D 83 24.45 20.39 33.38
C THR D 83 25.15 19.47 34.37
N ALA D 84 26.20 19.99 35.02
CA ALA D 84 26.90 19.24 36.05
C ALA D 84 25.96 18.85 37.19
N LEU D 85 25.07 19.76 37.58
CA LEU D 85 24.15 19.46 38.68
C LEU D 85 23.14 18.38 38.29
N ARG D 86 22.57 18.49 37.08
CA ARG D 86 21.50 17.59 36.69
C ARG D 86 21.99 16.14 36.63
N ILE D 87 23.18 15.92 36.09
CA ILE D 87 23.69 14.55 36.02
C ILE D 87 23.94 14.00 37.42
N VAL D 88 24.26 14.86 38.39
CA VAL D 88 24.50 14.39 39.75
C VAL D 88 23.19 13.94 40.39
N PHE D 89 22.17 14.81 40.37
CA PHE D 89 20.88 14.46 40.96
C PHE D 89 20.22 13.31 40.21
N MET D 90 20.44 13.22 38.89
CA MET D 90 19.93 12.06 38.15
C MET D 90 20.61 10.79 38.60
N ILE D 91 21.92 10.84 38.86
CA ILE D 91 22.62 9.68 39.40
C ILE D 91 22.03 9.31 40.75
N LEU D 92 21.86 10.31 41.64
CA LEU D 92 21.27 10.03 42.95
C LEU D 92 19.84 9.51 42.82
N LEU D 93 19.13 9.90 41.77
CA LEU D 93 17.77 9.43 41.57
C LEU D 93 17.75 8.03 40.95
N LEU D 94 18.69 7.75 40.04
CA LEU D 94 18.70 6.43 39.41
C LEU D 94 19.37 5.39 40.29
N THR D 95 20.29 5.80 41.17
CA THR D 95 20.85 4.84 42.13
C THR D 95 19.83 4.45 43.18
N GLY D 96 19.03 5.41 43.65
CA GLY D 96 18.00 5.10 44.62
C GLY D 96 16.91 4.21 44.05
N ILE D 97 16.46 4.51 42.83
CA ILE D 97 15.45 3.67 42.19
C ILE D 97 15.98 2.25 42.00
N ILE D 98 17.16 2.13 41.39
CA ILE D 98 17.78 0.81 41.23
C ILE D 98 17.99 0.16 42.59
N GLY D 99 18.26 0.95 43.63
CA GLY D 99 18.48 0.37 44.95
C GLY D 99 17.21 -0.17 45.57
N LEU D 100 16.17 0.66 45.66
CA LEU D 100 14.87 0.20 46.16
C LEU D 100 14.34 -1.01 45.38
N LYS D 101 14.57 -1.08 44.07
CA LYS D 101 14.03 -2.19 43.29
C LYS D 101 14.88 -3.46 43.34
N ALA D 102 16.19 -3.33 43.55
CA ALA D 102 17.02 -4.51 43.69
C ALA D 102 16.99 -5.11 45.09
N THR D 103 16.24 -4.50 46.01
CA THR D 103 16.18 -4.96 47.38
C THR D 103 14.82 -5.48 47.81
N SER D 104 13.83 -5.48 46.91
CA SER D 104 12.50 -5.97 47.26
C SER D 104 12.42 -7.49 47.16
N SER E 3 -6.83 20.36 -11.79
CA SER E 3 -6.91 18.97 -11.34
C SER E 3 -5.56 18.45 -10.92
N VAL E 4 -4.86 17.80 -11.84
CA VAL E 4 -3.60 17.14 -11.55
C VAL E 4 -2.48 17.75 -12.38
N PRO E 5 -1.23 17.79 -11.89
CA PRO E 5 -0.80 17.29 -10.57
C PRO E 5 -1.17 18.23 -9.43
N THR E 6 -0.88 17.84 -8.19
CA THR E 6 -1.24 18.72 -7.08
C THR E 6 -0.10 18.69 -6.09
N LYS E 7 0.07 19.78 -5.33
CA LYS E 7 1.04 19.93 -4.24
C LYS E 7 2.45 19.52 -4.67
N LEU E 8 3.03 20.36 -5.53
CA LEU E 8 4.41 20.17 -5.97
C LEU E 8 5.34 20.79 -4.92
N GLU E 9 6.13 19.96 -4.26
CA GLU E 9 7.00 20.41 -3.18
C GLU E 9 8.40 19.82 -3.35
N VAL E 10 9.36 20.41 -2.66
CA VAL E 10 10.74 19.97 -2.66
C VAL E 10 10.95 19.12 -1.41
N VAL E 11 11.02 17.80 -1.60
CA VAL E 11 11.27 16.90 -0.47
C VAL E 11 12.68 17.08 0.07
N ALA E 12 13.67 16.92 -0.80
CA ALA E 12 15.07 17.06 -0.43
C ALA E 12 15.76 17.99 -1.41
N ALA E 13 16.87 18.57 -0.97
CA ALA E 13 17.60 19.52 -1.79
C ALA E 13 19.08 19.46 -1.44
N THR E 14 19.91 19.67 -2.45
CA THR E 14 21.35 19.71 -2.37
C THR E 14 21.81 20.80 -3.33
N PRO E 15 22.93 21.50 -3.03
CA PRO E 15 23.42 22.54 -3.95
C PRO E 15 23.35 22.21 -5.43
N THR E 16 23.42 20.94 -5.79
CA THR E 16 23.40 20.52 -7.18
C THR E 16 22.17 19.70 -7.56
N SER E 17 21.31 19.35 -6.61
CA SER E 17 20.18 18.48 -6.93
C SER E 17 18.97 18.79 -6.07
N LEU E 18 17.79 18.63 -6.66
CA LEU E 18 16.53 18.78 -5.97
C LEU E 18 15.73 17.49 -6.09
N LEU E 19 15.09 17.10 -4.99
CA LEU E 19 14.09 16.04 -5.01
C LEU E 19 12.72 16.68 -4.91
N ILE E 20 11.86 16.40 -5.89
CA ILE E 20 10.54 17.01 -5.96
C ILE E 20 9.48 15.93 -5.94
N SER E 21 8.30 16.27 -5.43
CA SER E 21 7.18 15.35 -5.38
C SER E 21 5.88 16.12 -5.61
N TRP E 22 4.84 15.40 -5.97
CA TRP E 22 3.53 16.01 -6.24
C TRP E 22 2.44 15.01 -5.93
N ASP E 23 1.21 15.53 -5.79
CA ASP E 23 0.03 14.71 -5.55
C ASP E 23 -0.56 14.32 -6.90
N ALA E 24 -0.43 13.05 -7.26
CA ALA E 24 -0.90 12.57 -8.55
C ALA E 24 -2.42 12.52 -8.63
N GLY E 25 -3.11 12.63 -7.51
CA GLY E 25 -4.56 12.55 -7.52
C GLY E 25 -5.06 11.13 -7.32
N HIS E 26 -6.34 10.95 -7.64
CA HIS E 26 -6.98 9.66 -7.48
C HIS E 26 -6.58 8.72 -8.62
N TRP E 27 -6.93 7.43 -8.46
CA TRP E 27 -6.52 6.45 -9.45
C TRP E 27 -7.13 6.71 -10.82
N TRP E 28 -8.31 7.31 -10.90
CA TRP E 28 -8.82 7.77 -12.20
C TRP E 28 -8.23 9.10 -12.62
N GLU E 29 -7.40 9.71 -11.79
CA GLU E 29 -6.70 10.94 -12.16
C GLU E 29 -5.27 10.67 -12.59
N TRP E 30 -4.78 9.45 -12.43
CA TRP E 30 -3.38 9.16 -12.76
C TRP E 30 -3.16 9.21 -14.27
N VAL E 31 -1.96 9.63 -14.65
CA VAL E 31 -1.60 9.79 -16.05
C VAL E 31 -0.44 8.85 -16.37
N THR E 32 -0.19 8.66 -17.66
CA THR E 32 0.83 7.73 -18.09
C THR E 32 2.24 8.32 -18.06
N TYR E 33 2.37 9.63 -17.87
CA TYR E 33 3.67 10.27 -17.76
C TYR E 33 3.47 11.73 -17.38
N TYR E 34 4.42 12.24 -16.62
CA TYR E 34 4.56 13.67 -16.37
C TYR E 34 5.85 14.14 -17.04
N ARG E 35 5.80 15.33 -17.62
CA ARG E 35 7.01 15.96 -18.15
C ARG E 35 7.37 17.14 -17.25
N ILE E 36 8.61 17.17 -16.80
CA ILE E 36 9.06 18.12 -15.78
C ILE E 36 10.03 19.11 -16.42
N THR E 37 9.87 20.38 -16.07
CA THR E 37 10.63 21.46 -16.65
C THR E 37 11.33 22.24 -15.53
N TYR E 38 12.62 22.51 -15.71
CA TYR E 38 13.37 23.26 -14.71
C TYR E 38 14.37 24.17 -15.41
N GLY E 39 14.45 25.41 -14.94
CA GLY E 39 15.41 26.36 -15.48
C GLY E 39 15.56 27.53 -14.54
N GLU E 40 16.68 28.23 -14.69
CA GLU E 40 16.94 29.42 -13.88
C GLU E 40 15.85 30.45 -14.12
N THR E 41 15.12 30.82 -13.07
CA THR E 41 14.04 31.78 -13.19
C THR E 41 14.57 33.13 -13.68
N GLY E 42 14.06 33.60 -14.81
CA GLY E 42 14.52 34.83 -15.40
C GLY E 42 15.81 34.73 -16.20
N GLY E 43 16.60 33.68 -15.99
CA GLY E 43 17.85 33.55 -16.72
C GLY E 43 17.61 33.39 -18.21
N ASN E 44 18.61 33.82 -18.99
CA ASN E 44 18.54 33.76 -20.44
C ASN E 44 18.72 32.35 -20.98
N SER E 45 18.80 31.35 -20.12
CA SER E 45 19.00 29.96 -20.54
C SER E 45 17.66 29.27 -20.71
N PRO E 46 17.43 28.57 -21.82
CA PRO E 46 16.19 27.79 -21.95
C PRO E 46 16.10 26.70 -20.91
N VAL E 47 14.88 26.24 -20.69
CA VAL E 47 14.57 25.32 -19.60
C VAL E 47 14.79 23.89 -20.08
N GLN E 48 15.44 23.08 -19.23
CA GLN E 48 15.62 21.67 -19.53
C GLN E 48 14.32 20.91 -19.24
N GLU E 49 14.22 19.72 -19.82
CA GLU E 49 12.98 18.96 -19.79
C GLU E 49 13.27 17.48 -19.85
N PHE E 50 12.46 16.70 -19.13
CA PHE E 50 12.49 15.24 -19.22
C PHE E 50 11.13 14.72 -18.78
N THR E 51 10.77 13.55 -19.27
CA THR E 51 9.51 12.92 -18.96
C THR E 51 9.69 11.89 -17.85
N VAL E 52 8.72 11.82 -16.95
CA VAL E 52 8.75 10.91 -15.81
C VAL E 52 7.56 9.96 -15.94
N PRO E 53 7.73 8.67 -15.67
CA PRO E 53 6.58 7.75 -15.72
C PRO E 53 5.44 8.23 -14.84
N GLY E 54 4.22 8.14 -15.36
CA GLY E 54 3.07 8.60 -14.64
C GLY E 54 2.70 7.76 -13.43
N TYR E 55 3.40 6.64 -13.21
CA TYR E 55 3.24 5.87 -11.99
C TYR E 55 4.17 6.34 -10.88
N SER E 56 4.74 7.52 -11.01
CA SER E 56 5.62 8.09 -10.00
C SER E 56 5.11 9.47 -9.60
N SER E 57 5.15 9.74 -8.30
CA SER E 57 4.80 11.06 -7.78
C SER E 57 6.03 11.88 -7.42
N THR E 58 7.23 11.36 -7.63
CA THR E 58 8.47 12.05 -7.31
C THR E 58 9.40 12.03 -8.51
N ALA E 59 10.46 12.83 -8.41
CA ALA E 59 11.53 12.89 -9.42
C ALA E 59 12.65 13.74 -8.86
N THR E 60 13.88 13.41 -9.26
CA THR E 60 15.07 14.13 -8.82
C THR E 60 15.69 14.89 -9.97
N ILE E 61 15.98 16.16 -9.73
CA ILE E 61 16.59 17.05 -10.73
C ILE E 61 18.04 17.25 -10.36
N SER E 62 18.94 16.89 -11.26
CA SER E 62 20.37 16.89 -10.97
C SER E 62 21.11 17.89 -11.86
N GLY E 63 22.34 18.19 -11.47
CA GLY E 63 23.18 19.09 -12.22
C GLY E 63 22.70 20.52 -12.22
N LEU E 64 22.54 21.10 -11.03
CA LEU E 64 22.08 22.47 -10.88
C LEU E 64 23.20 23.36 -10.34
N LYS E 65 23.17 24.63 -10.73
CA LYS E 65 24.13 25.60 -10.22
C LYS E 65 23.74 25.98 -8.80
N PRO E 66 24.61 25.76 -7.81
CA PRO E 66 24.26 26.13 -6.43
C PRO E 66 24.07 27.64 -6.27
N GLY E 67 23.09 28.00 -5.44
CA GLY E 67 22.78 29.39 -5.20
C GLY E 67 21.89 30.05 -6.23
N VAL E 68 21.55 29.35 -7.31
CA VAL E 68 20.72 29.90 -8.37
C VAL E 68 19.28 29.45 -8.14
N ASP E 69 18.34 30.37 -8.34
CA ASP E 69 16.93 30.07 -8.18
C ASP E 69 16.38 29.43 -9.44
N TYR E 70 15.66 28.31 -9.28
CA TYR E 70 15.09 27.58 -10.41
C TYR E 70 13.58 27.54 -10.28
N THR E 71 12.91 27.52 -11.43
CA THR E 71 11.47 27.33 -11.51
C THR E 71 11.19 25.96 -12.09
N ILE E 72 10.58 25.09 -11.30
CA ILE E 72 10.25 23.73 -11.70
C ILE E 72 8.76 23.65 -12.00
N THR E 73 8.40 22.89 -13.02
CA THR E 73 7.00 22.73 -13.41
C THR E 73 6.72 21.26 -13.73
N VAL E 74 5.58 20.77 -13.28
CA VAL E 74 5.13 19.41 -13.55
C VAL E 74 3.89 19.48 -14.43
N TYR E 75 3.91 18.76 -15.55
CA TYR E 75 2.84 18.80 -16.52
C TYR E 75 2.12 17.45 -16.58
N ALA E 76 0.81 17.50 -16.76
CA ALA E 76 0.07 16.34 -17.18
C ALA E 76 0.22 16.18 -18.69
N PRO E 77 -0.05 14.99 -19.24
CA PRO E 77 0.04 14.82 -20.70
C PRO E 77 -0.77 15.85 -21.47
N THR E 78 -1.98 16.16 -21.02
CA THR E 78 -2.79 17.22 -21.60
C THR E 78 -3.30 18.13 -20.50
N SER E 79 -3.49 19.41 -20.83
CA SER E 79 -4.03 20.37 -19.88
C SER E 79 -5.53 20.23 -19.68
N ASP E 80 -6.17 19.28 -20.38
CA ASP E 80 -7.60 19.06 -20.17
C ASP E 80 -7.90 18.68 -18.73
N TYR E 81 -6.98 17.98 -18.07
CA TYR E 81 -7.15 17.60 -16.68
C TYR E 81 -6.98 18.83 -15.79
N GLY E 82 -5.74 19.25 -15.58
CA GLY E 82 -5.47 20.41 -14.75
C GLY E 82 -4.30 21.21 -15.30
N SER E 83 -4.29 22.49 -14.97
CA SER E 83 -3.21 23.36 -15.38
C SER E 83 -1.90 22.91 -14.72
N PRO E 84 -0.76 23.19 -15.35
CA PRO E 84 0.51 22.77 -14.76
C PRO E 84 0.84 23.59 -13.51
N ILE E 85 1.48 22.94 -12.56
CA ILE E 85 1.88 23.58 -11.31
C ILE E 85 3.37 23.81 -11.31
N SER E 86 3.76 24.95 -10.75
CA SER E 86 5.14 25.37 -10.74
C SER E 86 5.51 25.88 -9.36
N ILE E 87 6.83 25.89 -9.11
CA ILE E 87 7.40 26.40 -7.86
C ILE E 87 8.65 27.19 -8.20
N ASN E 88 9.20 27.84 -7.17
CA ASN E 88 10.49 28.53 -7.27
C ASN E 88 11.32 28.14 -6.07
N TYR E 89 12.44 27.45 -6.31
CA TYR E 89 13.33 27.00 -5.25
C TYR E 89 14.75 27.42 -5.55
N ARG E 90 15.43 27.97 -4.56
CA ARG E 90 16.82 28.36 -4.66
C ARG E 90 17.68 27.26 -4.06
N THR E 91 18.54 26.66 -4.88
CA THR E 91 19.40 25.58 -4.44
C THR E 91 20.46 26.04 -3.43
N SER F 3 -0.75 22.81 7.90
CA SER F 3 -0.09 21.51 7.78
C SER F 3 -1.10 20.42 7.47
N VAL F 4 -1.69 19.84 8.52
CA VAL F 4 -2.69 18.78 8.36
C VAL F 4 -3.91 19.12 9.23
N PRO F 5 -5.12 18.72 8.83
CA PRO F 5 -5.42 18.00 7.59
C PRO F 5 -5.49 18.92 6.39
N THR F 6 -5.53 18.34 5.19
CA THR F 6 -5.51 19.08 3.94
C THR F 6 -6.52 18.47 2.97
N LYS F 7 -7.10 19.31 2.11
CA LYS F 7 -7.99 18.88 1.04
C LYS F 7 -9.18 18.07 1.60
N LEU F 8 -10.00 18.78 2.36
CA LEU F 8 -11.25 18.22 2.86
C LEU F 8 -12.30 18.27 1.76
N GLU F 9 -12.78 17.10 1.33
CA GLU F 9 -13.71 17.04 0.22
C GLU F 9 -14.80 16.00 0.53
N VAL F 10 -15.87 16.06 -0.24
CA VAL F 10 -17.01 15.18 -0.08
C VAL F 10 -16.89 14.08 -1.14
N VAL F 11 -16.56 12.87 -0.71
CA VAL F 11 -16.46 11.75 -1.64
C VAL F 11 -17.82 11.39 -2.20
N ALA F 12 -18.78 11.11 -1.32
CA ALA F 12 -20.12 10.74 -1.72
C ALA F 12 -21.14 11.52 -0.90
N ALA F 13 -22.37 11.56 -1.40
CA ALA F 13 -23.42 12.33 -0.74
C ALA F 13 -24.77 11.70 -1.04
N THR F 14 -25.71 11.94 -0.12
CA THR F 14 -27.09 11.51 -0.20
C THR F 14 -27.90 12.59 0.49
N PRO F 15 -29.19 12.77 0.13
CA PRO F 15 -30.04 13.72 0.87
C PRO F 15 -29.84 13.70 2.38
N THR F 16 -29.46 12.57 2.97
CA THR F 16 -29.33 12.46 4.42
C THR F 16 -27.92 12.25 4.90
N SER F 17 -26.95 11.98 4.02
CA SER F 17 -25.61 11.61 4.47
C SER F 17 -24.54 12.23 3.58
N LEU F 18 -23.37 12.44 4.18
CA LEU F 18 -22.19 12.93 3.48
C LEU F 18 -21.00 12.05 3.81
N LEU F 19 -20.30 11.59 2.78
CA LEU F 19 -19.02 10.90 2.95
C LEU F 19 -17.90 11.89 2.65
N ILE F 20 -17.05 12.15 3.64
CA ILE F 20 -15.99 13.13 3.51
C ILE F 20 -14.65 12.44 3.62
N SER F 21 -13.61 13.12 3.13
CA SER F 21 -12.25 12.64 3.23
C SER F 21 -11.31 13.83 3.29
N TRP F 22 -10.04 13.56 3.58
CA TRP F 22 -9.04 14.61 3.72
C TRP F 22 -7.66 14.00 3.58
N ASP F 23 -6.68 14.86 3.34
CA ASP F 23 -5.28 14.44 3.23
C ASP F 23 -4.65 14.54 4.61
N ALA F 24 -4.28 13.39 5.17
CA ALA F 24 -3.71 13.34 6.51
C ALA F 24 -2.28 13.83 6.57
N GLY F 25 -1.63 14.02 5.42
CA GLY F 25 -0.25 14.43 5.38
C GLY F 25 0.71 13.27 5.43
N HIS F 26 1.98 13.61 5.62
CA HIS F 26 3.02 12.59 5.69
C HIS F 26 2.91 11.80 7.00
N TRP F 27 3.64 10.69 7.07
CA TRP F 27 3.56 9.80 8.23
C TRP F 27 3.93 10.54 9.51
N TRP F 28 4.89 11.47 9.43
CA TRP F 28 5.22 12.29 10.59
C TRP F 28 4.20 13.39 10.83
N GLU F 29 3.27 13.61 9.90
CA GLU F 29 2.18 14.54 10.08
C GLU F 29 0.89 13.89 10.56
N TRP F 30 0.84 12.56 10.59
CA TRP F 30 -0.38 11.88 11.01
C TRP F 30 -0.65 12.12 12.49
N VAL F 31 -1.94 12.23 12.83
CA VAL F 31 -2.36 12.47 14.20
C VAL F 31 -3.15 11.27 14.69
N THR F 32 -3.30 11.17 16.01
CA THR F 32 -3.98 10.04 16.61
C THR F 32 -5.49 10.08 16.44
N TYR F 33 -6.06 11.27 16.21
CA TYR F 33 -7.50 11.38 16.03
C TYR F 33 -7.82 12.72 15.40
N TYR F 34 -8.89 12.74 14.61
CA TYR F 34 -9.52 13.98 14.16
C TYR F 34 -10.89 14.09 14.78
N ARG F 35 -11.29 15.31 15.11
CA ARG F 35 -12.65 15.58 15.57
C ARG F 35 -13.37 16.40 14.50
N ILE F 36 -14.55 15.94 14.11
CA ILE F 36 -15.26 16.45 12.96
C ILE F 36 -16.52 17.17 13.43
N THR F 37 -16.75 18.36 12.88
CA THR F 37 -17.84 19.24 13.29
C THR F 37 -18.72 19.53 12.07
N TYR F 38 -20.03 19.37 12.23
CA TYR F 38 -20.96 19.64 11.14
C TYR F 38 -22.25 20.23 11.70
N GLY F 39 -22.78 21.23 11.01
CA GLY F 39 -24.03 21.85 11.40
C GLY F 39 -24.55 22.73 10.29
N GLU F 40 -25.83 23.07 10.40
CA GLU F 40 -26.46 23.95 9.42
C GLU F 40 -25.73 25.30 9.40
N THR F 41 -25.19 25.65 8.23
CA THR F 41 -24.44 26.90 8.11
C THR F 41 -25.34 28.09 8.39
N GLY F 42 -25.01 28.83 9.45
CA GLY F 42 -25.80 29.97 9.86
C GLY F 42 -27.05 29.64 10.65
N GLY F 43 -27.42 28.37 10.75
CA GLY F 43 -28.60 28.01 11.51
C GLY F 43 -28.39 28.20 13.00
N ASN F 44 -29.50 28.49 13.70
CA ASN F 44 -29.48 28.69 15.14
C ASN F 44 -29.28 27.40 15.91
N SER F 45 -28.94 26.30 15.25
CA SER F 45 -28.66 25.02 15.88
C SER F 45 -27.17 24.85 16.07
N PRO F 46 -26.70 24.48 17.26
CA PRO F 46 -25.26 24.30 17.46
C PRO F 46 -24.72 23.16 16.60
N VAL F 47 -23.43 23.20 16.38
CA VAL F 47 -22.77 22.23 15.51
C VAL F 47 -22.62 20.91 16.25
N GLN F 48 -22.79 19.82 15.51
CA GLN F 48 -22.58 18.48 16.05
C GLN F 48 -21.12 18.08 15.90
N GLU F 49 -20.72 17.06 16.65
CA GLU F 49 -19.30 16.72 16.75
C GLU F 49 -19.14 15.23 17.01
N PHE F 50 -18.04 14.68 16.49
CA PHE F 50 -17.59 13.34 16.83
C PHE F 50 -16.12 13.22 16.46
N THR F 51 -15.42 12.32 17.14
CA THR F 51 -14.02 12.07 16.85
C THR F 51 -13.88 10.87 15.93
N VAL F 52 -12.72 10.79 15.28
CA VAL F 52 -12.45 9.76 14.28
C VAL F 52 -11.03 9.26 14.46
N PRO F 53 -10.79 7.95 14.35
CA PRO F 53 -9.42 7.43 14.46
C PRO F 53 -8.48 8.11 13.46
N GLY F 54 -7.29 8.45 13.94
CA GLY F 54 -6.32 9.14 13.11
C GLY F 54 -5.74 8.29 12.00
N TYR F 55 -5.86 6.96 12.11
CA TYR F 55 -5.44 6.08 11.04
C TYR F 55 -6.46 6.00 9.92
N SER F 56 -7.46 6.88 9.91
CA SER F 56 -8.42 6.98 8.83
C SER F 56 -8.38 8.39 8.26
N SER F 57 -8.62 8.50 6.95
CA SER F 57 -8.67 9.79 6.28
C SER F 57 -10.07 10.13 5.77
N THR F 58 -11.02 9.22 5.93
CA THR F 58 -12.40 9.45 5.49
C THR F 58 -13.34 9.44 6.68
N ALA F 59 -14.53 10.00 6.48
CA ALA F 59 -15.55 10.00 7.51
C ALA F 59 -16.92 10.13 6.86
N THR F 60 -17.93 9.65 7.57
CA THR F 60 -19.31 9.66 7.10
C THR F 60 -20.17 10.40 8.11
N ILE F 61 -20.93 11.38 7.62
CA ILE F 61 -21.84 12.17 8.44
C ILE F 61 -23.25 11.86 8.00
N SER F 62 -24.02 11.24 8.88
CA SER F 62 -25.35 10.74 8.57
C SER F 62 -26.41 11.57 9.28
N GLY F 63 -27.68 11.27 8.98
CA GLY F 63 -28.80 11.92 9.62
C GLY F 63 -28.87 13.42 9.40
N LEU F 64 -28.74 13.85 8.16
CA LEU F 64 -28.79 15.25 7.80
C LEU F 64 -30.12 15.56 7.11
N LYS F 65 -30.48 16.85 7.11
CA LYS F 65 -31.71 17.28 6.46
C LYS F 65 -31.45 17.49 4.98
N PRO F 66 -32.25 16.91 4.09
CA PRO F 66 -32.03 17.08 2.65
C PRO F 66 -32.20 18.52 2.21
N GLY F 67 -31.42 18.91 1.20
CA GLY F 67 -31.46 20.26 0.68
C GLY F 67 -30.89 21.32 1.57
N VAL F 68 -30.45 20.98 2.78
CA VAL F 68 -29.93 21.96 3.73
C VAL F 68 -28.42 22.06 3.56
N ASP F 69 -27.92 23.29 3.57
CA ASP F 69 -26.49 23.53 3.44
C ASP F 69 -25.82 23.36 4.80
N TYR F 70 -24.76 22.55 4.83
CA TYR F 70 -24.02 22.28 6.05
C TYR F 70 -22.57 22.73 5.88
N THR F 71 -21.89 22.88 7.02
CA THR F 71 -20.46 23.19 7.04
C THR F 71 -19.75 22.17 7.92
N ILE F 72 -18.77 21.48 7.35
CA ILE F 72 -18.04 20.42 8.02
C ILE F 72 -16.62 20.88 8.28
N THR F 73 -16.13 20.66 9.49
CA THR F 73 -14.78 21.04 9.88
C THR F 73 -14.08 19.83 10.50
N VAL F 74 -12.79 19.68 10.17
CA VAL F 74 -11.99 18.57 10.66
C VAL F 74 -10.81 19.14 11.43
N TYR F 75 -10.86 19.02 12.76
CA TYR F 75 -9.83 19.56 13.63
C TYR F 75 -8.77 18.50 13.94
N ALA F 76 -7.53 18.94 14.02
CA ALA F 76 -6.45 18.13 14.55
C ALA F 76 -6.51 18.13 16.07
N PRO F 77 -5.80 17.21 16.74
CA PRO F 77 -5.83 17.20 18.22
C PRO F 77 -5.49 18.56 18.83
N THR F 78 -4.43 19.20 18.36
CA THR F 78 -4.08 20.54 18.77
C THR F 78 -3.96 21.42 17.53
N SER F 79 -4.25 22.72 17.72
CA SER F 79 -4.10 23.67 16.63
C SER F 79 -2.65 23.99 16.31
N ASP F 80 -1.70 23.39 17.03
CA ASP F 80 -0.28 23.63 16.82
C ASP F 80 0.18 23.18 15.44
N SER F 83 -4.12 25.03 11.16
CA SER F 83 -5.51 25.48 11.30
C SER F 83 -6.49 24.42 10.79
N PRO F 84 -7.68 24.37 11.36
CA PRO F 84 -8.68 23.39 10.91
C PRO F 84 -9.26 23.78 9.55
N ILE F 85 -9.50 22.77 8.72
CA ILE F 85 -10.05 22.96 7.39
C ILE F 85 -11.56 22.74 7.44
N SER F 86 -12.29 23.53 6.65
CA SER F 86 -13.75 23.43 6.64
C SER F 86 -14.25 23.72 5.23
N ILE F 87 -15.45 23.21 4.94
CA ILE F 87 -16.07 23.34 3.63
C ILE F 87 -17.55 23.68 3.82
N ASN F 88 -18.23 23.91 2.70
CA ASN F 88 -19.68 24.05 2.65
C ASN F 88 -20.23 22.94 1.75
N TYR F 89 -21.46 22.52 2.05
CA TYR F 89 -22.11 21.52 1.19
C TYR F 89 -23.60 21.51 1.46
N ARG F 90 -24.40 21.52 0.41
CA ARG F 90 -25.85 21.41 0.49
C ARG F 90 -26.25 19.99 0.10
N THR F 91 -26.95 19.31 1.02
CA THR F 91 -27.36 17.93 0.80
C THR F 91 -28.49 17.81 -0.21
N SER G 3 24.75 -21.14 -41.96
CA SER G 3 24.51 -19.88 -42.63
C SER G 3 24.74 -18.70 -41.69
N VAL G 4 24.00 -18.66 -40.58
CA VAL G 4 24.06 -17.54 -39.65
C VAL G 4 24.27 -18.05 -38.22
N PRO G 5 25.25 -17.52 -37.48
CA PRO G 5 26.24 -16.56 -37.98
C PRO G 5 27.45 -17.28 -38.57
N THR G 6 28.42 -16.53 -39.08
CA THR G 6 29.60 -17.13 -39.70
C THR G 6 30.80 -16.22 -39.47
N LYS G 7 31.99 -16.78 -39.70
CA LYS G 7 33.25 -16.06 -39.68
C LYS G 7 33.55 -15.48 -38.29
N LEU G 8 33.51 -16.34 -37.28
CA LEU G 8 33.88 -15.94 -35.93
C LEU G 8 35.40 -15.84 -35.83
N GLU G 9 35.89 -14.64 -35.50
CA GLU G 9 37.33 -14.41 -35.44
C GLU G 9 37.71 -13.81 -34.10
N VAL G 10 38.98 -13.40 -33.97
CA VAL G 10 39.48 -12.68 -32.80
C VAL G 10 40.19 -11.45 -33.34
N VAL G 11 39.48 -10.32 -33.41
CA VAL G 11 40.03 -9.10 -33.99
C VAL G 11 41.26 -8.66 -33.20
N ALA G 12 41.15 -8.65 -31.87
CA ALA G 12 42.26 -8.28 -31.00
C ALA G 12 42.20 -9.13 -29.75
N ALA G 13 43.33 -9.20 -29.04
CA ALA G 13 43.42 -10.09 -27.89
C ALA G 13 44.60 -9.70 -27.02
N THR G 14 44.33 -9.56 -25.73
CA THR G 14 45.33 -9.47 -24.67
C THR G 14 45.38 -10.79 -23.92
N PRO G 15 46.36 -10.99 -23.03
CA PRO G 15 46.36 -12.22 -22.22
C PRO G 15 45.11 -12.43 -21.38
N THR G 16 44.27 -11.41 -21.19
CA THR G 16 43.07 -11.57 -20.37
C THR G 16 41.81 -11.05 -21.06
N SER G 17 41.83 -10.89 -22.38
CA SER G 17 40.67 -10.33 -23.06
C SER G 17 40.75 -10.63 -24.55
N LEU G 18 39.61 -11.01 -25.12
CA LEU G 18 39.48 -11.29 -26.55
C LEU G 18 38.36 -10.43 -27.12
N LEU G 19 38.63 -9.76 -28.24
CA LEU G 19 37.63 -8.99 -28.97
C LEU G 19 37.22 -9.81 -30.19
N ILE G 20 36.06 -10.46 -30.10
CA ILE G 20 35.60 -11.34 -31.16
C ILE G 20 34.70 -10.57 -32.10
N SER G 21 34.40 -11.16 -33.26
CA SER G 21 33.50 -10.57 -34.23
C SER G 21 32.92 -11.68 -35.09
N TRP G 22 31.95 -11.33 -35.91
CA TRP G 22 31.31 -12.29 -36.80
C TRP G 22 30.59 -11.53 -37.89
N ASP G 23 30.06 -12.28 -38.85
CA ASP G 23 29.28 -11.73 -39.94
C ASP G 23 27.82 -12.01 -39.67
N ALA G 24 27.05 -10.97 -39.39
CA ALA G 24 25.63 -11.12 -39.09
C ALA G 24 24.80 -11.48 -40.31
N GLY G 25 25.42 -11.72 -41.45
CA GLY G 25 24.68 -11.90 -42.69
C GLY G 25 24.31 -10.56 -43.30
N HIS G 26 23.07 -10.43 -43.75
CA HIS G 26 22.59 -9.17 -44.30
C HIS G 26 21.07 -9.15 -44.39
N TRP G 27 20.45 -8.07 -43.91
CA TRP G 27 19.02 -7.82 -44.10
C TRP G 27 18.17 -8.97 -43.58
N TRP G 28 17.83 -9.92 -44.46
CA TRP G 28 16.90 -10.99 -44.14
C TRP G 28 17.47 -12.01 -43.15
N GLU G 29 18.76 -11.98 -42.88
CA GLU G 29 19.38 -12.94 -41.96
C GLU G 29 19.67 -12.34 -40.59
N TRP G 30 19.68 -11.02 -40.47
CA TRP G 30 19.94 -10.37 -39.19
C TRP G 30 18.97 -10.87 -38.14
N VAL G 31 19.51 -11.50 -37.10
CA VAL G 31 18.69 -12.06 -36.03
C VAL G 31 18.51 -11.01 -34.94
N THR G 32 17.62 -11.29 -33.98
CA THR G 32 17.36 -10.31 -32.92
C THR G 32 18.52 -10.23 -31.93
N TYR G 33 19.25 -11.31 -31.73
CA TYR G 33 20.32 -11.33 -30.73
C TYR G 33 21.23 -12.52 -30.98
N TYR G 34 22.44 -12.42 -30.45
CA TYR G 34 23.39 -13.53 -30.41
C TYR G 34 23.73 -13.83 -28.96
N ARG G 35 24.06 -15.09 -28.69
CA ARG G 35 24.49 -15.52 -27.36
C ARG G 35 25.93 -16.00 -27.46
N ILE G 36 26.85 -15.28 -26.84
CA ILE G 36 28.27 -15.60 -26.88
C ILE G 36 28.63 -16.34 -25.59
N THR G 37 29.36 -17.45 -25.73
CA THR G 37 29.83 -18.22 -24.59
C THR G 37 31.34 -18.40 -24.70
N TYR G 38 31.99 -18.58 -23.55
CA TYR G 38 33.43 -18.78 -23.52
C TYR G 38 33.78 -19.65 -22.31
N GLY G 39 34.88 -20.38 -22.45
CA GLY G 39 35.33 -21.25 -21.38
C GLY G 39 36.55 -22.02 -21.83
N GLU G 40 37.13 -22.75 -20.88
CA GLU G 40 38.30 -23.57 -21.17
C GLU G 40 37.92 -24.73 -22.06
N THR G 41 38.78 -25.02 -23.05
CA THR G 41 38.51 -26.13 -23.97
C THR G 41 38.50 -27.47 -23.25
N GLY G 42 39.14 -27.57 -22.09
CA GLY G 42 39.17 -28.82 -21.34
C GLY G 42 37.83 -29.14 -20.69
N GLY G 43 37.65 -28.72 -19.44
CA GLY G 43 36.42 -28.98 -18.72
C GLY G 43 35.96 -27.81 -17.87
N PRO G 46 32.73 -24.87 -15.42
CA PRO G 46 31.47 -24.30 -15.92
C PRO G 46 31.67 -23.23 -16.98
N VAL G 47 30.85 -23.28 -18.03
CA VAL G 47 30.93 -22.26 -19.07
C VAL G 47 30.34 -20.95 -18.56
N GLN G 48 30.74 -19.86 -19.18
CA GLN G 48 30.15 -18.54 -18.95
C GLN G 48 29.61 -18.00 -20.26
N GLU G 49 28.57 -17.17 -20.16
CA GLU G 49 27.84 -16.75 -21.35
C GLU G 49 27.36 -15.31 -21.20
N PHE G 50 27.14 -14.68 -22.35
CA PHE G 50 26.45 -13.40 -22.41
C PHE G 50 25.81 -13.28 -23.78
N THR G 51 24.92 -12.29 -23.92
CA THR G 51 24.16 -12.10 -25.14
C THR G 51 24.35 -10.68 -25.66
N VAL G 52 24.47 -10.55 -26.98
CA VAL G 52 24.58 -9.23 -27.62
C VAL G 52 23.38 -9.03 -28.52
N PRO G 53 22.93 -7.80 -28.73
CA PRO G 53 21.82 -7.57 -29.66
C PRO G 53 22.22 -7.87 -31.09
N GLY G 54 21.23 -8.28 -31.88
CA GLY G 54 21.49 -8.79 -33.22
C GLY G 54 22.09 -7.79 -34.19
N TYR G 55 21.94 -6.50 -33.91
CA TYR G 55 22.50 -5.50 -34.82
C TYR G 55 24.01 -5.38 -34.70
N SER G 56 24.56 -5.65 -33.52
CA SER G 56 26.01 -5.58 -33.31
C SER G 56 26.63 -6.93 -33.67
N SER G 57 27.73 -6.88 -34.42
CA SER G 57 28.44 -8.08 -34.85
C SER G 57 29.73 -8.32 -34.10
N THR G 58 30.07 -7.48 -33.12
CA THR G 58 31.27 -7.67 -32.32
C THR G 58 30.88 -7.89 -30.87
N ALA G 59 31.79 -8.52 -30.13
CA ALA G 59 31.62 -8.75 -28.71
C ALA G 59 32.98 -8.82 -28.05
N THR G 60 33.04 -8.40 -26.79
CA THR G 60 34.27 -8.42 -26.01
C THR G 60 34.15 -9.46 -24.91
N ILE G 61 35.17 -10.32 -24.78
CA ILE G 61 35.23 -11.34 -23.75
C ILE G 61 36.37 -10.98 -22.82
N SER G 62 36.07 -10.82 -21.53
CA SER G 62 37.01 -10.34 -20.54
C SER G 62 37.14 -11.34 -19.40
N GLY G 63 38.03 -11.02 -18.47
CA GLY G 63 38.20 -11.85 -17.28
C GLY G 63 38.79 -13.21 -17.53
N LEU G 64 39.47 -13.41 -18.65
CA LEU G 64 40.04 -14.71 -18.97
C LEU G 64 41.35 -14.92 -18.22
N LYS G 65 41.73 -16.19 -18.08
CA LYS G 65 42.99 -16.55 -17.45
C LYS G 65 44.09 -16.64 -18.51
N PRO G 66 45.17 -15.88 -18.39
CA PRO G 66 46.22 -15.92 -19.42
C PRO G 66 46.89 -17.28 -19.52
N GLY G 67 47.19 -17.68 -20.76
CA GLY G 67 47.81 -18.95 -21.03
C GLY G 67 46.85 -20.10 -21.25
N VAL G 68 45.59 -19.97 -20.79
CA VAL G 68 44.60 -21.04 -20.93
C VAL G 68 43.92 -20.94 -22.28
N ASP G 69 43.69 -22.08 -22.91
CA ASP G 69 43.12 -22.13 -24.25
C ASP G 69 41.61 -22.14 -24.14
N TYR G 70 40.96 -21.17 -24.77
CA TYR G 70 39.52 -20.96 -24.67
C TYR G 70 38.81 -21.34 -25.97
N THR G 71 37.61 -21.89 -25.81
CA THR G 71 36.70 -22.18 -26.91
C THR G 71 35.56 -21.17 -26.87
N ILE G 72 35.40 -20.41 -27.95
CA ILE G 72 34.40 -19.34 -28.02
C ILE G 72 33.35 -19.74 -29.05
N THR G 73 32.08 -19.63 -28.65
CA THR G 73 30.96 -19.98 -29.51
C THR G 73 29.98 -18.83 -29.59
N VAL G 74 29.32 -18.71 -30.75
CA VAL G 74 28.33 -17.67 -30.99
C VAL G 74 27.09 -18.35 -31.56
N TYR G 75 25.99 -18.32 -30.81
CA TYR G 75 24.76 -19.01 -31.19
C TYR G 75 23.73 -18.01 -31.70
N ALA G 76 22.98 -18.43 -32.71
CA ALA G 76 21.81 -17.70 -33.17
C ALA G 76 20.64 -17.98 -32.22
N PRO G 77 19.57 -17.18 -32.28
CA PRO G 77 18.44 -17.42 -31.37
C PRO G 77 17.87 -18.82 -31.45
N THR G 78 17.82 -19.41 -32.65
CA THR G 78 17.29 -20.75 -32.84
C THR G 78 18.23 -21.53 -33.75
N SER G 79 17.97 -22.83 -33.85
CA SER G 79 18.70 -23.68 -34.80
C SER G 79 18.26 -23.45 -36.24
N ASP G 80 17.19 -22.69 -36.45
CA ASP G 80 16.64 -22.47 -37.79
C ASP G 80 17.35 -21.30 -38.47
N TYR G 81 18.68 -21.41 -38.57
CA TYR G 81 19.47 -20.37 -39.22
C TYR G 81 20.65 -20.96 -39.97
N GLY G 82 21.48 -21.76 -39.29
CA GLY G 82 22.57 -22.42 -39.98
C GLY G 82 23.74 -22.84 -39.14
N SER G 83 23.44 -23.49 -37.99
CA SER G 83 24.42 -24.12 -37.11
C SER G 83 25.30 -23.09 -36.41
N PRO G 84 25.70 -23.35 -35.16
CA PRO G 84 26.54 -22.38 -34.44
C PRO G 84 27.94 -22.26 -35.02
N ILE G 85 28.76 -21.42 -34.39
CA ILE G 85 30.17 -21.30 -34.71
C ILE G 85 30.96 -21.52 -33.42
N SER G 86 32.16 -22.08 -33.57
CA SER G 86 33.01 -22.37 -32.42
C SER G 86 34.46 -22.31 -32.85
N ILE G 87 35.27 -21.55 -32.10
CA ILE G 87 36.70 -21.45 -32.35
C ILE G 87 37.45 -21.68 -31.05
N ASN G 88 38.68 -22.15 -31.16
CA ASN G 88 39.60 -22.27 -30.04
C ASN G 88 40.63 -21.16 -30.09
N TYR G 89 41.04 -20.69 -28.91
CA TYR G 89 42.01 -19.60 -28.83
C TYR G 89 42.66 -19.63 -27.47
N ARG G 90 43.99 -19.65 -27.44
CA ARG G 90 44.76 -19.56 -26.21
C ARG G 90 45.17 -18.11 -25.99
N THR G 91 44.90 -17.60 -24.81
CA THR G 91 45.23 -16.21 -24.46
C THR G 91 46.72 -15.96 -24.51
N SER H 3 -17.68 -20.73 46.12
CA SER H 3 -18.04 -19.43 46.67
C SER H 3 -18.69 -18.55 45.60
N VAL H 4 -17.99 -18.34 44.49
CA VAL H 4 -18.46 -17.44 43.43
C VAL H 4 -18.42 -18.19 42.09
N PRO H 5 -19.49 -18.11 41.27
CA PRO H 5 -20.76 -17.48 41.60
C PRO H 5 -21.69 -18.48 42.29
N THR H 6 -22.89 -18.03 42.69
CA THR H 6 -23.84 -18.91 43.37
C THR H 6 -25.26 -18.45 43.06
N LYS H 7 -26.21 -19.35 43.34
CA LYS H 7 -27.63 -19.10 43.18
C LYS H 7 -28.04 -18.91 41.72
N LEU H 8 -27.80 -19.93 40.89
CA LEU H 8 -28.22 -19.88 39.49
C LEU H 8 -29.70 -20.24 39.42
N GLU H 9 -30.54 -19.24 39.21
CA GLU H 9 -31.98 -19.41 39.13
C GLU H 9 -32.48 -19.02 37.75
N VAL H 10 -33.46 -19.77 37.25
CA VAL H 10 -34.16 -19.42 36.02
C VAL H 10 -35.28 -18.46 36.40
N VAL H 11 -35.03 -17.16 36.21
CA VAL H 11 -35.99 -16.15 36.61
C VAL H 11 -37.27 -16.27 35.78
N ALA H 12 -37.12 -16.31 34.46
CA ALA H 12 -38.24 -16.48 33.56
C ALA H 12 -37.88 -17.50 32.49
N ALA H 13 -38.90 -18.02 31.81
CA ALA H 13 -38.67 -19.10 30.86
C ALA H 13 -39.85 -19.21 29.91
N THR H 14 -39.54 -19.32 28.62
CA THR H 14 -40.52 -19.65 27.58
C THR H 14 -40.05 -20.94 26.92
N PRO H 15 -40.90 -21.61 26.13
CA PRO H 15 -40.47 -22.88 25.51
C PRO H 15 -39.18 -22.78 24.69
N THR H 16 -38.79 -21.59 24.24
CA THR H 16 -37.60 -21.44 23.42
C THR H 16 -36.52 -20.56 24.04
N SER H 17 -36.71 -20.08 25.26
CA SER H 17 -35.77 -19.13 25.83
C SER H 17 -35.80 -19.20 27.35
N LEU H 18 -34.65 -18.90 27.95
CA LEU H 18 -34.50 -18.82 29.39
C LEU H 18 -33.84 -17.51 29.78
N LEU H 19 -34.18 -17.02 30.97
CA LEU H 19 -33.58 -15.82 31.55
C LEU H 19 -32.95 -16.22 32.88
N ILE H 20 -31.66 -16.54 32.87
CA ILE H 20 -30.97 -17.03 34.05
C ILE H 20 -30.39 -15.87 34.83
N SER H 21 -29.99 -16.13 36.08
CA SER H 21 -29.41 -15.10 36.94
C SER H 21 -28.55 -15.79 37.99
N TRP H 22 -27.60 -15.04 38.52
CA TRP H 22 -26.69 -15.54 39.54
C TRP H 22 -26.33 -14.41 40.49
N ASP H 23 -25.77 -14.79 41.64
CA ASP H 23 -25.28 -13.83 42.61
C ASP H 23 -23.79 -13.62 42.37
N ALA H 24 -23.41 -12.39 42.04
CA ALA H 24 -22.04 -12.10 41.62
C ALA H 24 -21.08 -11.93 42.80
N GLY H 25 -21.59 -11.75 44.01
CA GLY H 25 -20.75 -11.42 45.14
C GLY H 25 -20.81 -9.94 45.46
N HIS H 26 -19.73 -9.38 45.99
CA HIS H 26 -19.71 -7.95 46.29
C HIS H 26 -18.26 -7.47 46.38
N TRP H 27 -17.99 -6.35 45.71
CA TRP H 27 -16.70 -5.66 45.77
C TRP H 27 -15.55 -6.59 45.38
N TRP H 28 -15.01 -7.33 46.36
CA TRP H 28 -13.78 -8.10 46.17
C TRP H 28 -14.02 -9.46 45.54
N GLU H 29 -15.25 -9.77 45.12
CA GLU H 29 -15.53 -11.04 44.48
C GLU H 29 -16.06 -10.90 43.06
N TRP H 30 -16.43 -9.70 42.62
CA TRP H 30 -16.84 -9.50 41.24
C TRP H 30 -15.70 -9.85 40.31
N VAL H 31 -15.95 -10.77 39.37
CA VAL H 31 -14.95 -11.18 38.41
C VAL H 31 -15.10 -10.33 37.16
N THR H 32 -14.13 -10.41 36.24
CA THR H 32 -14.20 -9.60 35.04
C THR H 32 -15.23 -10.11 34.05
N TYR H 33 -15.57 -11.40 34.08
CA TYR H 33 -16.53 -11.95 33.14
C TYR H 33 -16.99 -13.32 33.63
N TYR H 34 -18.16 -13.72 33.14
CA TYR H 34 -18.67 -15.07 33.33
C TYR H 34 -18.86 -15.72 31.97
N ARG H 35 -18.66 -17.04 31.92
CA ARG H 35 -18.91 -17.82 30.72
C ARG H 35 -20.07 -18.76 30.98
N ILE H 36 -21.14 -18.59 30.21
CA ILE H 36 -22.36 -19.37 30.36
C ILE H 36 -22.41 -20.39 29.23
N THR H 37 -22.74 -21.63 29.56
CA THR H 37 -22.88 -22.70 28.58
C THR H 37 -24.21 -23.42 28.77
N TYR H 38 -24.79 -23.85 27.66
CA TYR H 38 -26.05 -24.58 27.63
C TYR H 38 -26.01 -25.56 26.47
N GLY H 39 -26.57 -26.75 26.68
CA GLY H 39 -26.46 -27.78 25.66
C GLY H 39 -27.66 -28.70 25.53
N GLU H 40 -27.91 -29.49 26.57
CA GLU H 40 -29.01 -30.45 26.62
C GLU H 40 -29.06 -31.02 28.03
N THR H 41 -28.99 -32.34 28.17
CA THR H 41 -28.78 -32.97 29.47
C THR H 41 -28.47 -34.46 29.31
N VAL H 47 -22.13 -28.61 22.98
CA VAL H 47 -22.81 -27.60 23.78
C VAL H 47 -22.66 -26.23 23.13
N GLN H 48 -23.53 -25.30 23.51
CA GLN H 48 -23.41 -23.90 23.10
C GLN H 48 -22.89 -23.08 24.27
N GLU H 49 -22.20 -21.98 23.95
CA GLU H 49 -21.58 -21.17 24.99
C GLU H 49 -21.60 -19.71 24.60
N PHE H 50 -21.59 -18.85 25.62
CA PHE H 50 -21.42 -17.42 25.44
C PHE H 50 -20.92 -16.83 26.75
N THR H 51 -20.19 -15.72 26.64
CA THR H 51 -19.59 -15.06 27.80
C THR H 51 -20.29 -13.73 28.05
N VAL H 52 -20.43 -13.38 29.33
CA VAL H 52 -21.02 -12.10 29.71
C VAL H 52 -20.03 -11.36 30.61
N PRO H 53 -20.00 -10.03 30.57
CA PRO H 53 -19.08 -9.28 31.42
C PRO H 53 -19.45 -9.41 32.89
N GLY H 54 -18.45 -9.18 33.75
CA GLY H 54 -18.58 -9.46 35.16
C GLY H 54 -19.45 -8.51 35.95
N TYR H 55 -19.89 -7.41 35.35
CA TYR H 55 -20.81 -6.53 36.06
C TYR H 55 -22.25 -7.01 35.96
N SER H 56 -22.62 -7.62 34.85
CA SER H 56 -23.97 -8.13 34.68
C SER H 56 -24.14 -9.45 35.43
N SER H 57 -25.27 -9.58 36.12
CA SER H 57 -25.58 -10.78 36.89
C SER H 57 -26.60 -11.67 36.20
N THR H 58 -27.10 -11.28 35.03
CA THR H 58 -28.09 -12.06 34.31
C THR H 58 -27.60 -12.33 32.89
N ALA H 59 -28.26 -13.29 32.24
CA ALA H 59 -27.96 -13.63 30.86
C ALA H 59 -29.17 -14.32 30.26
N THR H 60 -29.50 -13.96 29.03
CA THR H 60 -30.59 -14.61 28.32
C THR H 60 -30.05 -15.77 27.49
N ILE H 61 -30.78 -16.88 27.51
CA ILE H 61 -30.45 -18.06 26.70
C ILE H 61 -31.61 -18.27 25.74
N SER H 62 -31.33 -18.14 24.45
CA SER H 62 -32.36 -18.17 23.42
C SER H 62 -32.04 -19.24 22.38
N GLY H 63 -33.08 -19.70 21.69
CA GLY H 63 -32.92 -20.71 20.67
C GLY H 63 -33.01 -22.14 21.16
N LEU H 64 -33.74 -22.38 22.25
CA LEU H 64 -33.86 -23.71 22.80
C LEU H 64 -35.00 -24.49 22.14
N LYS H 65 -34.89 -25.82 22.21
CA LYS H 65 -35.93 -26.69 21.71
C LYS H 65 -36.94 -26.96 22.82
N PRO H 66 -38.21 -26.59 22.65
CA PRO H 66 -39.19 -26.79 23.73
C PRO H 66 -39.34 -28.26 24.07
N GLY H 67 -39.52 -28.52 25.37
CA GLY H 67 -39.69 -29.87 25.88
C GLY H 67 -38.40 -30.57 26.26
N VAL H 68 -37.26 -30.13 25.75
CA VAL H 68 -35.99 -30.78 26.03
C VAL H 68 -35.43 -30.25 27.34
N ASP H 69 -34.92 -31.16 28.18
CA ASP H 69 -34.27 -30.77 29.41
C ASP H 69 -32.89 -30.19 29.10
N TYR H 70 -32.60 -29.01 29.67
CA TYR H 70 -31.36 -28.31 29.40
C TYR H 70 -30.55 -28.14 30.69
N THR H 71 -29.23 -28.20 30.55
CA THR H 71 -28.29 -27.92 31.62
C THR H 71 -27.61 -26.59 31.35
N ILE H 72 -27.57 -25.73 32.36
CA ILE H 72 -27.01 -24.39 32.24
C ILE H 72 -25.90 -24.26 33.26
N THR H 73 -24.67 -24.05 32.78
CA THR H 73 -23.52 -23.88 33.65
C THR H 73 -22.96 -22.47 33.51
N VAL H 74 -22.60 -21.87 34.65
CA VAL H 74 -21.98 -20.55 34.68
C VAL H 74 -20.54 -20.73 35.17
N TYR H 75 -19.59 -20.28 34.37
CA TYR H 75 -18.17 -20.45 34.66
C TYR H 75 -17.54 -19.11 35.00
N ALA H 76 -16.69 -19.12 36.02
CA ALA H 76 -15.89 -17.96 36.38
C ALA H 76 -14.68 -17.89 35.45
N PRO H 77 -13.91 -16.79 35.48
CA PRO H 77 -12.70 -16.73 34.65
C PRO H 77 -11.72 -17.85 34.95
N THR H 78 -11.43 -18.08 36.23
CA THR H 78 -10.51 -19.12 36.67
C THR H 78 -11.20 -19.98 37.72
N SER H 79 -10.51 -21.04 38.15
CA SER H 79 -11.02 -21.91 39.20
C SER H 79 -10.82 -21.32 40.59
N ASP H 80 -10.11 -20.21 40.71
CA ASP H 80 -9.73 -19.66 42.01
C ASP H 80 -10.86 -18.84 42.62
N TYR H 81 -12.10 -19.28 42.44
CA TYR H 81 -13.22 -18.47 42.91
C TYR H 81 -14.28 -19.31 43.63
N GLY H 82 -14.40 -20.58 43.28
CA GLY H 82 -15.25 -21.46 44.06
C GLY H 82 -16.23 -22.34 43.31
N SER H 83 -15.75 -23.05 42.29
CA SER H 83 -16.48 -24.09 41.56
C SER H 83 -17.63 -23.51 40.73
N PRO H 84 -17.88 -24.07 39.55
CA PRO H 84 -18.99 -23.58 38.72
C PRO H 84 -20.34 -23.92 39.33
N ILE H 85 -21.37 -23.33 38.75
CA ILE H 85 -22.76 -23.65 39.08
C ILE H 85 -23.40 -24.30 37.87
N SER H 86 -24.35 -25.19 38.12
CA SER H 86 -25.05 -25.90 37.05
C SER H 86 -26.44 -26.29 37.53
N ILE H 87 -27.44 -26.04 36.70
CA ILE H 87 -28.81 -26.43 36.99
C ILE H 87 -29.41 -27.10 35.75
N ASN H 88 -30.35 -28.00 35.99
CA ASN H 88 -31.13 -28.62 34.92
C ASN H 88 -32.49 -27.95 34.83
N TYR H 89 -33.00 -27.85 33.61
CA TYR H 89 -34.26 -27.14 33.37
C TYR H 89 -34.88 -27.64 32.07
N ARG H 90 -36.10 -28.15 32.15
CA ARG H 90 -36.84 -28.59 30.97
C ARG H 90 -37.76 -27.48 30.51
N THR H 91 -37.62 -27.06 29.27
CA THR H 91 -38.45 -26.00 28.71
C THR H 91 -39.85 -26.50 28.39
#